data_5QTR
#
_entry.id   5QTR
#
_cell.length_a   48.992
_cell.length_b   59.760
_cell.length_c   80.343
_cell.angle_alpha   79.350
_cell.angle_beta   81.730
_cell.angle_gamma   75.910
#
_symmetry.space_group_name_H-M   'P 1'
#
loop_
_entity.id
_entity.type
_entity.pdbx_description
1 polymer NUDT5
2 non-polymer 'MAGNESIUM ION'
3 non-polymer 1,2-ETHANEDIOL
4 non-polymer 6-fluoroquinazolin-4(3H)-one
5 water water
#
_entity_poly.entity_id   1
_entity_poly.type   'polypeptide(L)'
_entity_poly.pdbx_seq_one_letter_code
;SMESQEPTESSQNGKQYIISEELISEGKWVKLEKTTYMDPTGKTRTWESVKRTTRKEQTADGVAVIPVLQRTLHYECIVL
VKQFRPPMGGYCIEFPAGLIDDGETPEAAALRELEEETGYKGDIAECSPAVCMDPGLSNCTIHIVTVTINGDDAENARPK
PKPGDGEFVEVISLPKNDLLQRLDALVAEEHLTVDARVYSYALALKHAN
;
_entity_poly.pdbx_strand_id   A,B,C,D
#
loop_
_chem_comp.id
_chem_comp.type
_chem_comp.name
_chem_comp.formula
EDO non-polymer 1,2-ETHANEDIOL 'C2 H6 O2'
MG non-polymer 'MAGNESIUM ION' 'Mg 2'
PWP non-polymer 6-fluoroquinazolin-4(3H)-one 'C8 H5 F N2 O'
#
# COMPACT_ATOMS: atom_id res chain seq x y z
N LYS A 15 -46.18 -3.34 -5.23
CA LYS A 15 -47.52 -2.75 -5.56
C LYS A 15 -47.48 -1.22 -5.62
N GLN A 16 -46.31 -0.59 -5.73
CA GLN A 16 -46.21 0.88 -6.01
C GLN A 16 -45.88 1.11 -7.48
N TYR A 17 -46.33 2.24 -8.01
CA TYR A 17 -46.16 2.58 -9.44
C TYR A 17 -46.35 4.08 -9.64
N ILE A 18 -45.82 4.57 -10.76
CA ILE A 18 -45.94 5.97 -11.23
C ILE A 18 -47.35 6.15 -11.78
N ILE A 19 -47.97 7.23 -11.36
CA ILE A 19 -49.30 7.70 -11.87
C ILE A 19 -49.06 8.78 -12.92
N SER A 20 -48.23 9.78 -12.63
CA SER A 20 -47.90 10.84 -13.62
C SER A 20 -46.51 11.42 -13.39
N GLU A 21 -45.94 12.03 -14.43
CA GLU A 21 -44.65 12.76 -14.37
C GLU A 21 -44.89 14.11 -15.03
N GLU A 22 -44.87 15.20 -14.26
CA GLU A 22 -45.11 16.59 -14.73
C GLU A 22 -43.76 17.30 -14.85
N LEU A 23 -43.47 17.90 -16.01
CA LEU A 23 -42.22 18.66 -16.18
C LEU A 23 -42.33 19.94 -15.37
N ILE A 24 -41.34 20.21 -14.51
CA ILE A 24 -41.25 21.49 -13.76
C ILE A 24 -40.32 22.45 -14.53
N SER A 25 -39.12 22.02 -14.86
CA SER A 25 -38.08 22.87 -15.49
C SER A 25 -37.16 21.98 -16.32
N GLU A 26 -36.81 22.41 -17.53
CA GLU A 26 -36.06 21.59 -18.52
C GLU A 26 -34.91 22.45 -19.03
N GLY A 27 -33.67 22.04 -18.71
CA GLY A 27 -32.46 22.62 -19.30
C GLY A 27 -32.08 21.89 -20.57
N LYS A 28 -30.85 22.13 -21.05
CA LYS A 28 -30.27 21.42 -22.20
C LYS A 28 -29.87 20.01 -21.80
N TRP A 29 -29.48 19.82 -20.51
CA TRP A 29 -28.83 18.59 -20.01
C TRP A 29 -29.65 17.92 -18.92
N VAL A 30 -30.34 18.70 -18.11
CA VAL A 30 -31.03 18.21 -16.88
C VAL A 30 -32.43 18.81 -16.84
N LYS A 31 -33.38 18.03 -16.30
CA LYS A 31 -34.74 18.52 -16.04
C LYS A 31 -35.22 18.06 -14.65
N LEU A 32 -36.12 18.85 -14.05
CA LEU A 32 -36.80 18.56 -12.79
C LEU A 32 -38.25 18.19 -13.11
N GLU A 33 -38.77 17.17 -12.46
CA GLU A 33 -40.16 16.68 -12.66
C GLU A 33 -40.82 16.52 -11.30
N LYS A 34 -42.14 16.72 -11.27
CA LYS A 34 -43.01 16.36 -10.12
C LYS A 34 -43.57 14.97 -10.43
N THR A 35 -43.19 13.96 -9.66
CA THR A 35 -43.62 12.58 -9.87
C THR A 35 -44.79 12.30 -8.95
N THR A 36 -45.92 11.85 -9.50
CA THR A 36 -47.05 11.32 -8.70
C THR A 36 -46.99 9.81 -8.76
N TYR A 37 -47.07 9.18 -7.60
CA TYR A 37 -47.01 7.71 -7.50
C TYR A 37 -47.98 7.22 -6.43
N MET A 38 -48.27 5.94 -6.53
CA MET A 38 -49.17 5.22 -5.60
C MET A 38 -48.32 4.54 -4.54
N ASP A 39 -48.56 4.89 -3.27
CA ASP A 39 -47.87 4.31 -2.09
C ASP A 39 -48.53 2.95 -1.83
N PRO A 40 -47.91 2.09 -1.00
CA PRO A 40 -48.42 0.74 -0.80
C PRO A 40 -49.73 0.72 0.00
N THR A 41 -50.02 1.77 0.78
CA THR A 41 -51.30 1.91 1.55
C THR A 41 -52.43 2.25 0.58
N GLY A 42 -52.11 2.58 -0.68
CA GLY A 42 -53.08 2.92 -1.75
C GLY A 42 -53.33 4.41 -1.89
N LYS A 43 -52.53 5.22 -1.17
CA LYS A 43 -52.59 6.70 -1.13
C LYS A 43 -51.60 7.28 -2.16
N THR A 44 -52.04 8.29 -2.94
CA THR A 44 -51.20 9.03 -3.93
C THR A 44 -50.26 9.97 -3.16
N ARG A 45 -48.98 9.98 -3.54
CA ARG A 45 -47.94 10.87 -2.98
C ARG A 45 -47.16 11.49 -4.16
N THR A 46 -46.39 12.54 -3.89
CA THR A 46 -45.56 13.20 -4.91
C THR A 46 -44.09 13.16 -4.48
N TRP A 47 -43.23 13.37 -5.44
CA TRP A 47 -41.75 13.31 -5.26
C TRP A 47 -41.16 14.29 -6.28
N GLU A 48 -40.10 15.00 -5.92
CA GLU A 48 -39.34 15.85 -6.86
C GLU A 48 -38.21 14.99 -7.44
N SER A 49 -38.23 14.76 -8.75
CA SER A 49 -37.34 13.82 -9.47
C SER A 49 -36.47 14.60 -10.47
N VAL A 50 -35.20 14.20 -10.55
CA VAL A 50 -34.23 14.75 -11.53
C VAL A 50 -34.04 13.71 -12.63
N LYS A 51 -33.99 14.16 -13.88
CA LYS A 51 -33.63 13.28 -15.01
C LYS A 51 -32.67 14.02 -15.95
N ARG A 52 -31.88 13.29 -16.71
CA ARG A 52 -31.16 13.88 -17.86
C ARG A 52 -32.11 13.98 -19.06
N THR A 53 -31.80 14.91 -19.95
CA THR A 53 -32.55 15.12 -21.21
C THR A 53 -31.93 14.30 -22.34
N THR A 54 -30.78 13.69 -22.10
CA THR A 54 -29.91 13.10 -23.14
C THR A 54 -30.21 11.60 -23.33
N ARG A 55 -31.13 10.98 -22.61
CA ARG A 55 -31.28 9.51 -22.71
C ARG A 55 -32.22 9.19 -23.88
N LYS A 56 -31.76 8.42 -24.87
CA LYS A 56 -32.65 7.97 -25.99
C LYS A 56 -32.97 6.49 -25.76
N GLU A 57 -32.29 5.61 -26.48
CA GLU A 57 -32.48 4.13 -26.42
C GLU A 57 -31.33 3.47 -25.64
N GLN A 58 -30.42 4.24 -25.04
CA GLN A 58 -29.31 3.68 -24.21
C GLN A 58 -29.95 2.87 -23.07
N THR A 59 -29.35 1.74 -22.68
CA THR A 59 -29.85 0.90 -21.56
C THR A 59 -29.44 1.59 -20.25
N ALA A 60 -28.69 2.68 -20.35
CA ALA A 60 -28.29 3.51 -19.20
C ALA A 60 -27.85 4.88 -19.72
N ASP A 61 -27.77 5.87 -18.83
CA ASP A 61 -27.21 7.18 -19.23
C ASP A 61 -25.74 7.11 -19.62
N GLY A 62 -24.95 6.43 -18.81
CA GLY A 62 -23.50 6.49 -18.91
C GLY A 62 -22.84 5.16 -18.57
N VAL A 63 -21.53 5.21 -18.62
CA VAL A 63 -20.65 4.12 -18.14
C VAL A 63 -19.66 4.71 -17.14
N ALA A 64 -19.27 3.88 -16.21
CA ALA A 64 -18.07 4.09 -15.38
C ALA A 64 -17.19 2.87 -15.59
N VAL A 65 -15.90 3.09 -15.66
CA VAL A 65 -14.95 2.03 -16.02
C VAL A 65 -14.12 1.70 -14.77
N ILE A 66 -14.03 0.43 -14.43
CA ILE A 66 -13.07 -0.02 -13.38
C ILE A 66 -11.87 -0.57 -14.14
N PRO A 67 -10.79 0.24 -14.26
CA PRO A 67 -9.70 -0.09 -15.16
C PRO A 67 -8.54 -0.67 -14.35
N VAL A 68 -8.27 -1.95 -14.55
CA VAL A 68 -7.28 -2.71 -13.73
C VAL A 68 -6.01 -2.77 -14.56
N LEU A 69 -5.04 -1.95 -14.20
CA LEU A 69 -3.78 -1.86 -14.96
C LEU A 69 -2.87 -3.01 -14.52
N GLN A 70 -2.49 -3.89 -15.46
CA GLN A 70 -1.76 -5.15 -15.16
C GLN A 70 -0.41 -5.03 -15.87
N ARG A 71 0.69 -5.30 -15.15
CA ARG A 71 2.07 -5.14 -15.67
C ARG A 71 2.95 -6.18 -14.98
N THR A 72 3.73 -6.95 -15.76
CA THR A 72 4.71 -7.91 -15.20
C THR A 72 5.51 -7.23 -14.08
N LEU A 73 5.57 -7.90 -12.95
CA LEU A 73 6.46 -7.58 -11.79
C LEU A 73 6.01 -6.24 -11.22
N HIS A 74 4.73 -5.89 -11.46
CA HIS A 74 4.05 -4.77 -10.75
C HIS A 74 2.78 -5.27 -10.07
N TYR A 75 2.44 -4.67 -8.92
CA TYR A 75 1.14 -4.79 -8.30
C TYR A 75 0.09 -4.17 -9.26
N GLU A 76 -1.07 -4.79 -9.30
CA GLU A 76 -2.19 -4.28 -10.12
C GLU A 76 -2.53 -2.88 -9.60
N CYS A 77 -2.86 -1.98 -10.51
CA CYS A 77 -3.31 -0.62 -10.16
C CYS A 77 -4.74 -0.45 -10.66
N ILE A 78 -5.46 0.38 -9.94
CA ILE A 78 -6.80 0.90 -10.36
C ILE A 78 -6.54 2.26 -10.93
N VAL A 79 -6.99 2.49 -12.16
CA VAL A 79 -6.69 3.77 -12.84
C VAL A 79 -7.88 4.72 -12.56
N LEU A 80 -7.62 5.90 -12.02
CA LEU A 80 -8.64 6.91 -11.63
C LEU A 80 -8.37 8.23 -12.35
N VAL A 81 -9.37 9.10 -12.36
CA VAL A 81 -9.21 10.40 -13.01
C VAL A 81 -9.61 11.46 -11.99
N LYS A 82 -8.92 12.58 -12.09
CA LYS A 82 -9.19 13.77 -11.25
C LYS A 82 -9.63 14.86 -12.20
N GLN A 83 -10.73 15.53 -11.89
CA GLN A 83 -11.22 16.63 -12.73
C GLN A 83 -12.06 17.58 -11.90
N PHE A 84 -12.23 18.78 -12.42
CA PHE A 84 -13.07 19.81 -11.80
C PHE A 84 -14.52 19.45 -12.18
N ARG A 85 -15.36 19.41 -11.17
CA ARG A 85 -16.82 19.14 -11.33
C ARG A 85 -17.58 20.39 -10.90
N PRO A 86 -18.09 21.16 -11.87
CA PRO A 86 -18.84 22.36 -11.53
C PRO A 86 -19.91 22.14 -10.46
N PRO A 87 -20.74 21.05 -10.48
CA PRO A 87 -21.77 20.88 -9.44
C PRO A 87 -21.20 20.80 -8.03
N MET A 88 -19.97 20.29 -7.91
CA MET A 88 -19.31 20.14 -6.60
C MET A 88 -18.53 21.40 -6.21
N GLY A 89 -18.26 22.30 -7.17
CA GLY A 89 -17.37 23.47 -6.97
C GLY A 89 -15.96 23.06 -6.59
N GLY A 90 -15.42 21.99 -7.17
CA GLY A 90 -14.14 21.42 -6.74
C GLY A 90 -13.75 20.22 -7.56
N TYR A 91 -12.52 19.76 -7.33
CA TYR A 91 -11.92 18.55 -7.94
C TYR A 91 -12.42 17.28 -7.26
N CYS A 92 -12.68 16.27 -8.10
CA CYS A 92 -13.17 14.96 -7.63
C CYS A 92 -12.32 13.86 -8.22
N ILE A 93 -12.16 12.79 -7.46
CA ILE A 93 -11.45 11.56 -7.91
C ILE A 93 -12.54 10.52 -8.21
N GLU A 94 -12.51 9.98 -9.42
CA GLU A 94 -13.60 9.12 -9.94
C GLU A 94 -13.00 8.00 -10.80
N PHE A 95 -13.79 6.96 -11.04
CA PHE A 95 -13.54 6.05 -12.16
C PHE A 95 -13.71 6.86 -13.44
N PRO A 96 -12.96 6.54 -14.50
CA PRO A 96 -13.20 7.12 -15.82
C PRO A 96 -14.66 6.83 -16.22
N ALA A 97 -15.30 7.78 -16.87
CA ALA A 97 -16.76 7.70 -17.03
C ALA A 97 -17.21 8.70 -18.09
N GLY A 98 -18.32 8.37 -18.77
CA GLY A 98 -18.94 9.32 -19.69
C GLY A 98 -20.29 8.83 -20.08
N LEU A 99 -21.08 9.67 -20.73
CA LEU A 99 -22.39 9.27 -21.23
C LEU A 99 -22.20 8.35 -22.44
N ILE A 100 -23.17 7.47 -22.65
CA ILE A 100 -23.17 6.54 -23.81
C ILE A 100 -23.73 7.31 -25.00
N ASP A 101 -23.01 7.36 -26.12
CA ASP A 101 -23.53 8.06 -27.32
C ASP A 101 -24.70 7.26 -27.87
N ASP A 102 -25.64 7.92 -28.58
CA ASP A 102 -26.77 7.26 -29.27
C ASP A 102 -26.21 6.11 -30.14
N GLY A 103 -26.69 4.89 -29.96
CA GLY A 103 -26.35 3.71 -30.80
C GLY A 103 -25.06 3.06 -30.38
N GLU A 104 -24.40 3.58 -29.35
CA GLU A 104 -23.14 3.05 -28.82
C GLU A 104 -23.49 1.97 -27.79
N THR A 105 -22.73 0.89 -27.77
CA THR A 105 -22.91 -0.13 -26.72
C THR A 105 -22.24 0.36 -25.43
N PRO A 106 -22.67 -0.11 -24.26
CA PRO A 106 -21.95 0.23 -23.02
C PRO A 106 -20.44 -0.13 -23.10
N GLU A 107 -20.10 -1.30 -23.63
CA GLU A 107 -18.70 -1.75 -23.72
C GLU A 107 -17.88 -0.77 -24.59
N ALA A 108 -18.39 -0.38 -25.76
CA ALA A 108 -17.66 0.53 -26.67
C ALA A 108 -17.52 1.89 -25.95
N ALA A 109 -18.56 2.33 -25.27
CA ALA A 109 -18.54 3.62 -24.56
C ALA A 109 -17.43 3.57 -23.53
N ALA A 110 -17.33 2.47 -22.79
CA ALA A 110 -16.33 2.29 -21.72
C ALA A 110 -14.92 2.35 -22.28
N LEU A 111 -14.65 1.60 -23.35
CA LEU A 111 -13.31 1.55 -23.92
C LEU A 111 -12.98 2.92 -24.49
N ARG A 112 -13.96 3.57 -25.09
CA ARG A 112 -13.77 4.90 -25.70
C ARG A 112 -13.51 5.92 -24.60
N GLU A 113 -14.34 5.98 -23.56
CA GLU A 113 -14.11 6.99 -22.49
C GLU A 113 -12.77 6.68 -21.78
N LEU A 114 -12.44 5.42 -21.53
CA LEU A 114 -11.15 5.12 -20.88
C LEU A 114 -9.99 5.64 -21.75
N GLU A 115 -10.01 5.37 -23.05
CA GLU A 115 -8.91 5.88 -23.91
C GLU A 115 -8.91 7.41 -23.89
N GLU A 116 -10.06 8.06 -24.05
CA GLU A 116 -10.15 9.54 -24.11
C GLU A 116 -9.63 10.16 -22.82
N GLU A 117 -9.97 9.57 -21.67
CA GLU A 117 -9.69 10.23 -20.36
C GLU A 117 -8.28 9.86 -19.87
N THR A 118 -7.78 8.68 -20.24
CA THR A 118 -6.52 8.16 -19.65
C THR A 118 -5.45 7.87 -20.71
N GLY A 119 -5.83 7.68 -21.97
CA GLY A 119 -4.86 7.21 -22.98
C GLY A 119 -4.79 5.69 -23.09
N TYR A 120 -5.21 4.95 -22.08
CA TYR A 120 -5.07 3.49 -22.10
C TYR A 120 -6.09 2.84 -23.02
N LYS A 121 -5.64 1.78 -23.70
CA LYS A 121 -6.49 0.85 -24.47
C LYS A 121 -6.72 -0.39 -23.64
N GLY A 122 -7.94 -0.58 -23.19
CA GLY A 122 -8.30 -1.67 -22.31
C GLY A 122 -8.85 -2.84 -23.08
N ASP A 123 -9.10 -3.92 -22.36
CA ASP A 123 -9.82 -5.13 -22.84
C ASP A 123 -11.02 -5.32 -21.95
N ILE A 124 -12.20 -5.53 -22.52
CA ILE A 124 -13.40 -5.80 -21.69
C ILE A 124 -13.17 -7.04 -20.82
N ALA A 125 -13.54 -6.95 -19.56
CA ALA A 125 -13.63 -8.09 -18.62
C ALA A 125 -15.07 -8.44 -18.31
N GLU A 126 -15.88 -7.45 -17.95
CA GLU A 126 -17.30 -7.70 -17.60
C GLU A 126 -18.04 -6.36 -17.56
N CYS A 127 -19.34 -6.47 -17.75
CA CYS A 127 -20.25 -5.32 -17.88
C CYS A 127 -21.42 -5.56 -16.96
N SER A 128 -21.71 -4.62 -16.05
CA SER A 128 -22.83 -4.76 -15.11
C SER A 128 -24.14 -4.53 -15.84
N PRO A 129 -25.28 -4.91 -15.24
CA PRO A 129 -26.58 -4.37 -15.66
C PRO A 129 -26.56 -2.86 -15.32
N ALA A 130 -27.55 -2.14 -15.82
CA ALA A 130 -27.75 -0.73 -15.45
C ALA A 130 -27.94 -0.63 -13.94
N VAL A 131 -27.16 0.21 -13.29
CA VAL A 131 -27.23 0.43 -11.81
C VAL A 131 -27.52 1.92 -11.57
N CYS A 132 -28.21 2.22 -10.48
CA CYS A 132 -28.72 3.58 -10.19
C CYS A 132 -27.71 4.40 -9.40
N MET A 133 -27.56 5.64 -9.86
CA MET A 133 -26.60 6.65 -9.35
C MET A 133 -27.04 7.27 -8.01
N ASP A 134 -28.31 7.59 -7.83
CA ASP A 134 -28.79 8.29 -6.62
C ASP A 134 -30.31 8.21 -6.68
N PRO A 135 -30.91 7.03 -6.39
CA PRO A 135 -32.27 6.75 -6.86
C PRO A 135 -33.37 7.52 -6.09
N GLY A 136 -33.05 8.07 -4.92
CA GLY A 136 -33.94 9.00 -4.19
C GLY A 136 -34.01 10.36 -4.86
N LEU A 137 -33.04 10.70 -5.70
CA LEU A 137 -32.93 12.03 -6.35
C LEU A 137 -33.26 11.95 -7.83
N SER A 138 -32.71 10.95 -8.53
CA SER A 138 -32.59 10.99 -10.00
C SER A 138 -32.89 9.61 -10.58
N ASN A 139 -33.18 9.59 -11.88
CA ASN A 139 -33.38 8.30 -12.60
C ASN A 139 -32.03 7.89 -13.22
N CYS A 140 -30.93 8.55 -12.91
CA CYS A 140 -29.68 8.34 -13.68
C CYS A 140 -29.15 6.93 -13.38
N THR A 141 -28.66 6.31 -14.43
CA THR A 141 -28.12 4.95 -14.37
C THR A 141 -26.83 4.90 -15.19
N ILE A 142 -26.00 3.93 -14.83
CA ILE A 142 -24.77 3.61 -15.58
C ILE A 142 -24.64 2.10 -15.71
N HIS A 143 -23.83 1.67 -16.68
CA HIS A 143 -23.18 0.34 -16.58
C HIS A 143 -21.80 0.53 -16.01
N ILE A 144 -21.43 -0.32 -15.06
CA ILE A 144 -20.06 -0.38 -14.51
C ILE A 144 -19.35 -1.44 -15.34
N VAL A 145 -18.33 -1.01 -16.07
CA VAL A 145 -17.58 -1.89 -17.02
C VAL A 145 -16.18 -2.12 -16.49
N THR A 146 -15.87 -3.37 -16.14
CA THR A 146 -14.54 -3.76 -15.69
C THR A 146 -13.72 -3.99 -16.95
N VAL A 147 -12.55 -3.41 -17.01
CA VAL A 147 -11.61 -3.52 -18.14
C VAL A 147 -10.22 -3.78 -17.57
N THR A 148 -9.49 -4.68 -18.16
CA THR A 148 -8.07 -4.90 -17.86
C THR A 148 -7.24 -4.10 -18.85
N ILE A 149 -6.14 -3.57 -18.42
CA ILE A 149 -5.21 -2.81 -19.28
C ILE A 149 -3.92 -3.61 -19.25
N ASN A 150 -3.45 -4.09 -20.41
CA ASN A 150 -2.13 -4.77 -20.50
C ASN A 150 -1.09 -3.67 -20.57
N GLY A 151 -0.52 -3.25 -19.41
CA GLY A 151 0.48 -2.19 -19.40
C GLY A 151 1.84 -2.65 -19.91
N ASP A 152 1.97 -3.91 -20.29
CA ASP A 152 3.22 -4.38 -20.98
C ASP A 152 3.11 -4.13 -22.49
N ASP A 153 1.91 -3.84 -23.02
CA ASP A 153 1.74 -3.59 -24.48
C ASP A 153 2.32 -2.21 -24.82
N ALA A 154 3.00 -2.13 -25.96
CA ALA A 154 3.66 -0.89 -26.42
C ALA A 154 2.64 0.25 -26.51
N GLU A 155 1.40 -0.08 -26.88
CA GLU A 155 0.26 0.87 -27.04
C GLU A 155 -0.11 1.50 -25.69
N ASN A 156 0.28 0.88 -24.56
CA ASN A 156 -0.05 1.36 -23.21
C ASN A 156 1.21 1.84 -22.45
N ALA A 157 2.31 2.09 -23.18
CA ALA A 157 3.62 2.46 -22.58
C ALA A 157 3.56 3.94 -22.16
N ARG A 158 3.22 4.82 -23.11
CA ARG A 158 3.17 6.29 -22.93
C ARG A 158 1.77 6.76 -23.27
N PRO A 159 0.75 6.49 -22.42
CA PRO A 159 -0.64 6.85 -22.72
C PRO A 159 -0.85 8.37 -22.60
N LYS A 160 -1.38 9.00 -23.66
CA LYS A 160 -1.81 10.44 -23.67
C LYS A 160 -3.33 10.49 -23.68
N PRO A 161 -3.97 11.07 -22.63
CA PRO A 161 -5.38 11.45 -22.72
C PRO A 161 -5.71 12.12 -24.07
N LYS A 162 -6.90 11.86 -24.63
CA LYS A 162 -7.47 12.53 -25.84
C LYS A 162 -8.73 13.27 -25.40
N PRO A 163 -8.59 14.31 -24.54
CA PRO A 163 -9.76 14.95 -23.94
C PRO A 163 -10.55 15.75 -24.99
N GLY A 164 -11.88 15.67 -24.95
CA GLY A 164 -12.79 16.43 -25.81
C GLY A 164 -12.79 17.91 -25.45
N ASP A 165 -13.64 18.71 -26.11
CA ASP A 165 -13.77 20.16 -25.80
C ASP A 165 -14.30 20.29 -24.37
N GLY A 166 -13.71 21.20 -23.58
CA GLY A 166 -14.10 21.45 -22.17
C GLY A 166 -13.87 20.25 -21.25
N GLU A 167 -12.98 19.32 -21.62
CA GLU A 167 -12.59 18.13 -20.82
C GLU A 167 -11.13 18.33 -20.40
N PHE A 168 -10.85 18.23 -19.10
CA PHE A 168 -9.53 18.55 -18.49
C PHE A 168 -9.29 17.55 -17.36
N VAL A 169 -8.62 16.45 -17.69
CA VAL A 169 -8.58 15.25 -16.84
C VAL A 169 -7.14 14.88 -16.52
N GLU A 170 -6.88 14.63 -15.24
CA GLU A 170 -5.60 14.11 -14.69
C GLU A 170 -5.78 12.62 -14.37
N VAL A 171 -4.78 11.81 -14.68
CA VAL A 171 -4.80 10.36 -14.37
C VAL A 171 -4.06 10.07 -13.07
N ILE A 172 -4.65 9.25 -12.21
CA ILE A 172 -4.06 8.81 -10.93
C ILE A 172 -4.22 7.31 -10.87
N SER A 173 -3.11 6.57 -10.99
CA SER A 173 -3.12 5.09 -10.85
C SER A 173 -2.65 4.70 -9.45
N LEU A 174 -3.48 3.98 -8.73
CA LEU A 174 -3.18 3.61 -7.32
C LEU A 174 -3.16 2.10 -7.21
N PRO A 175 -2.24 1.49 -6.42
CA PRO A 175 -2.26 0.04 -6.28
C PRO A 175 -3.52 -0.49 -5.62
N LYS A 176 -4.12 -1.51 -6.23
CA LYS A 176 -5.34 -2.18 -5.74
C LYS A 176 -5.14 -2.63 -4.30
N ASN A 177 -3.93 -3.15 -3.97
CA ASN A 177 -3.65 -3.72 -2.64
C ASN A 177 -3.57 -2.64 -1.56
N ASP A 178 -3.67 -1.36 -1.90
CA ASP A 178 -3.54 -0.26 -0.89
C ASP A 178 -4.49 0.89 -1.22
N LEU A 179 -5.59 0.59 -1.91
CA LEU A 179 -6.33 1.69 -2.55
C LEU A 179 -6.93 2.66 -1.52
N LEU A 180 -7.57 2.12 -0.49
CA LEU A 180 -8.29 2.95 0.51
C LEU A 180 -7.27 3.88 1.19
N GLN A 181 -6.14 3.34 1.63
CA GLN A 181 -5.15 4.19 2.33
C GLN A 181 -4.60 5.25 1.37
N ARG A 182 -4.38 4.90 0.10
CA ARG A 182 -3.82 5.85 -0.88
C ARG A 182 -4.83 6.97 -1.17
N LEU A 183 -6.11 6.61 -1.24
CA LEU A 183 -7.17 7.62 -1.40
C LEU A 183 -7.22 8.54 -0.16
N ASP A 184 -7.18 7.94 1.00
CA ASP A 184 -7.14 8.73 2.29
C ASP A 184 -5.95 9.69 2.23
N ALA A 185 -4.77 9.27 1.81
CA ALA A 185 -3.58 10.17 1.74
C ALA A 185 -3.82 11.31 0.75
N LEU A 186 -4.50 11.06 -0.39
CA LEU A 186 -4.81 12.15 -1.32
C LEU A 186 -5.82 13.12 -0.70
N VAL A 187 -6.83 12.64 0.02
CA VAL A 187 -7.88 13.47 0.69
C VAL A 187 -7.19 14.31 1.79
N ALA A 188 -6.23 13.73 2.51
CA ALA A 188 -5.54 14.44 3.62
C ALA A 188 -4.68 15.60 3.09
N GLU A 189 -4.12 15.48 1.88
CA GLU A 189 -3.10 16.42 1.32
C GLU A 189 -3.74 17.55 0.52
N GLU A 190 -5.09 17.56 0.36
CA GLU A 190 -5.80 18.54 -0.50
C GLU A 190 -7.32 18.57 -0.23
N HIS A 191 -7.98 19.67 -0.58
CA HIS A 191 -9.46 19.77 -0.75
C HIS A 191 -9.82 19.03 -2.04
N LEU A 192 -10.21 17.78 -1.93
CA LEU A 192 -10.78 17.05 -3.08
C LEU A 192 -11.85 16.14 -2.51
N THR A 193 -12.66 15.58 -3.39
CA THR A 193 -13.70 14.66 -2.95
C THR A 193 -13.51 13.35 -3.71
N VAL A 194 -13.52 12.25 -2.99
CA VAL A 194 -13.52 10.93 -3.63
C VAL A 194 -14.96 10.59 -3.98
N ASP A 195 -15.14 10.00 -5.14
CA ASP A 195 -16.47 9.48 -5.56
C ASP A 195 -16.92 8.33 -4.68
N ALA A 196 -18.21 8.26 -4.39
CA ALA A 196 -18.79 7.21 -3.52
C ALA A 196 -18.57 5.81 -4.11
N ARG A 197 -18.60 5.66 -5.43
CA ARG A 197 -18.40 4.30 -6.02
C ARG A 197 -16.93 3.91 -5.83
N VAL A 198 -16.01 4.82 -6.07
CA VAL A 198 -14.58 4.53 -5.88
C VAL A 198 -14.38 4.15 -4.41
N TYR A 199 -14.92 4.95 -3.50
CA TYR A 199 -14.74 4.68 -2.05
C TYR A 199 -15.34 3.30 -1.66
N SER A 200 -16.50 2.96 -2.21
CA SER A 200 -17.20 1.68 -1.93
C SER A 200 -16.29 0.55 -2.39
N TYR A 201 -15.74 0.69 -3.58
CA TYR A 201 -14.83 -0.31 -4.19
C TYR A 201 -13.59 -0.46 -3.28
N ALA A 202 -13.01 0.65 -2.86
CA ALA A 202 -11.80 0.62 -2.00
C ALA A 202 -12.13 -0.01 -0.63
N LEU A 203 -13.29 0.28 -0.06
CA LEU A 203 -13.71 -0.30 1.25
C LEU A 203 -13.88 -1.83 1.13
N ALA A 204 -14.49 -2.32 0.05
CA ALA A 204 -14.67 -3.77 -0.13
C ALA A 204 -13.29 -4.44 -0.30
N LEU A 205 -12.36 -3.84 -1.03
CA LEU A 205 -10.97 -4.38 -1.16
C LEU A 205 -10.36 -4.54 0.23
N LYS A 206 -10.54 -3.56 1.12
CA LYS A 206 -10.09 -3.68 2.52
C LYS A 206 -10.85 -4.83 3.19
N HIS A 207 -12.18 -4.89 3.06
CA HIS A 207 -13.07 -5.78 3.85
C HIS A 207 -12.86 -7.23 3.39
N ALA A 208 -12.39 -7.43 2.17
CA ALA A 208 -12.08 -8.77 1.66
C ALA A 208 -10.76 -9.21 2.32
N LYS B 15 -7.04 25.87 -10.31
CA LYS B 15 -6.94 26.64 -11.59
C LYS B 15 -8.26 26.58 -12.38
N GLN B 16 -9.22 25.73 -11.96
CA GLN B 16 -10.66 25.95 -12.27
C GLN B 16 -11.42 26.38 -11.03
N TYR B 17 -12.47 27.15 -11.20
CA TYR B 17 -13.31 27.58 -10.06
C TYR B 17 -14.63 28.12 -10.58
N ILE B 18 -15.54 28.26 -9.64
CA ILE B 18 -16.92 28.78 -9.78
C ILE B 18 -16.84 30.30 -9.81
N ILE B 19 -17.53 30.91 -10.76
CA ILE B 19 -17.67 32.38 -10.84
C ILE B 19 -19.02 32.78 -10.25
N SER B 20 -20.10 32.14 -10.68
CA SER B 20 -21.49 32.48 -10.28
C SER B 20 -22.38 31.25 -10.34
N GLU B 21 -23.48 31.29 -9.59
CA GLU B 21 -24.48 30.22 -9.57
C GLU B 21 -25.82 30.92 -9.74
N GLU B 22 -26.53 30.59 -10.79
CA GLU B 22 -27.87 31.13 -11.07
C GLU B 22 -28.93 30.07 -10.75
N LEU B 23 -29.85 30.41 -9.85
CA LEU B 23 -31.05 29.58 -9.58
C LEU B 23 -31.93 29.50 -10.83
N ILE B 24 -32.21 28.30 -11.31
CA ILE B 24 -33.16 28.07 -12.43
C ILE B 24 -34.53 27.70 -11.87
N SER B 25 -34.58 26.81 -10.88
CA SER B 25 -35.87 26.29 -10.34
C SER B 25 -35.60 25.66 -8.97
N GLU B 26 -36.43 26.00 -7.99
CA GLU B 26 -36.27 25.58 -6.59
C GLU B 26 -37.55 24.89 -6.18
N GLY B 27 -37.46 23.60 -5.90
CA GLY B 27 -38.53 22.84 -5.24
C GLY B 27 -38.37 22.84 -3.73
N LYS B 28 -39.15 22.00 -3.07
CA LYS B 28 -39.08 21.79 -1.62
C LYS B 28 -37.77 21.09 -1.28
N TRP B 29 -37.36 20.13 -2.12
CA TRP B 29 -36.31 19.14 -1.82
C TRP B 29 -35.07 19.35 -2.73
N VAL B 30 -35.29 19.82 -3.93
CA VAL B 30 -34.27 19.84 -5.01
C VAL B 30 -34.36 21.18 -5.72
N LYS B 31 -33.19 21.70 -6.15
CA LYS B 31 -33.13 22.86 -7.06
C LYS B 31 -32.18 22.59 -8.22
N LEU B 32 -32.44 23.28 -9.32
CA LEU B 32 -31.61 23.27 -10.54
C LEU B 32 -30.92 24.63 -10.62
N GLU B 33 -29.62 24.59 -10.89
CA GLU B 33 -28.81 25.83 -10.99
C GLU B 33 -28.03 25.80 -12.30
N LYS B 34 -27.67 26.97 -12.78
CA LYS B 34 -26.72 27.10 -13.91
C LYS B 34 -25.45 27.65 -13.29
N THR B 35 -24.40 26.86 -13.31
CA THR B 35 -23.10 27.19 -12.73
C THR B 35 -22.22 27.81 -13.82
N THR B 36 -21.65 28.99 -13.55
CA THR B 36 -20.60 29.58 -14.44
C THR B 36 -19.25 29.33 -13.77
N TYR B 37 -18.30 28.79 -14.54
CA TYR B 37 -16.95 28.42 -14.04
C TYR B 37 -15.90 28.79 -15.09
N MET B 38 -14.70 28.90 -14.58
CA MET B 38 -13.50 29.24 -15.36
C MET B 38 -12.84 27.92 -15.73
N ASP B 39 -12.70 27.65 -17.02
CA ASP B 39 -12.03 26.41 -17.49
C ASP B 39 -10.54 26.72 -17.41
N PRO B 40 -9.66 25.73 -17.57
CA PRO B 40 -8.25 25.94 -17.27
C PRO B 40 -7.53 26.77 -18.35
N THR B 41 -8.15 26.96 -19.51
CA THR B 41 -7.66 27.79 -20.65
C THR B 41 -7.97 29.27 -20.42
N GLY B 42 -8.66 29.63 -19.33
CA GLY B 42 -9.13 31.01 -19.06
C GLY B 42 -10.48 31.31 -19.71
N LYS B 43 -11.16 30.31 -20.30
CA LYS B 43 -12.50 30.43 -20.94
C LYS B 43 -13.63 30.17 -19.93
N THR B 44 -14.63 31.02 -19.94
CA THR B 44 -15.82 30.97 -19.04
C THR B 44 -16.79 29.96 -19.66
N ARG B 45 -17.35 29.05 -18.84
CA ARG B 45 -18.25 27.97 -19.34
C ARG B 45 -19.41 27.82 -18.36
N THR B 46 -20.51 27.17 -18.78
CA THR B 46 -21.69 26.97 -17.92
C THR B 46 -21.97 25.48 -17.79
N TRP B 47 -22.56 25.13 -16.65
CA TRP B 47 -22.92 23.73 -16.33
C TRP B 47 -24.29 23.74 -15.67
N GLU B 48 -25.15 22.79 -16.01
CA GLU B 48 -26.45 22.59 -15.32
C GLU B 48 -26.21 21.62 -14.15
N SER B 49 -26.47 22.10 -12.95
CA SER B 49 -26.15 21.44 -11.67
C SER B 49 -27.45 21.25 -10.87
N VAL B 50 -27.53 20.16 -10.12
CA VAL B 50 -28.62 19.87 -9.17
C VAL B 50 -28.06 20.00 -7.75
N LYS B 51 -28.82 20.60 -6.86
CA LYS B 51 -28.50 20.56 -5.42
C LYS B 51 -29.73 20.22 -4.59
N ARG B 52 -29.52 19.65 -3.40
CA ARG B 52 -30.62 19.53 -2.43
C ARG B 52 -30.78 20.87 -1.72
N THR B 53 -32.00 21.16 -1.29
CA THR B 53 -32.34 22.39 -0.52
C THR B 53 -32.15 22.17 0.98
N THR B 54 -31.83 20.95 1.40
CA THR B 54 -31.91 20.48 2.79
C THR B 54 -30.55 20.48 3.51
N ARG B 55 -29.46 20.85 2.85
CA ARG B 55 -28.15 20.84 3.55
C ARG B 55 -27.96 22.16 4.30
N LYS B 56 -27.84 22.07 5.64
CA LYS B 56 -27.59 23.19 6.59
C LYS B 56 -26.32 22.90 7.39
N GLN B 58 -24.47 20.34 7.73
CA GLN B 58 -23.98 18.95 7.93
C GLN B 58 -22.69 18.73 7.12
N THR B 59 -21.95 17.66 7.47
CA THR B 59 -20.72 17.14 6.79
C THR B 59 -21.01 16.70 5.34
N ALA B 60 -22.27 16.40 5.06
CA ALA B 60 -22.75 15.75 3.84
C ALA B 60 -24.27 15.81 3.85
N ASP B 61 -24.91 15.52 2.72
CA ASP B 61 -26.39 15.42 2.70
C ASP B 61 -26.89 14.24 3.54
N GLY B 62 -26.28 13.07 3.34
CA GLY B 62 -26.81 11.79 3.82
C GLY B 62 -25.72 10.85 4.31
N VAL B 63 -26.17 9.69 4.78
CA VAL B 63 -25.30 8.54 5.08
C VAL B 63 -25.82 7.33 4.32
N ALA B 64 -24.90 6.43 4.01
CA ALA B 64 -25.22 5.09 3.50
C ALA B 64 -24.47 4.15 4.43
N VAL B 65 -25.15 3.12 4.90
CA VAL B 65 -24.62 2.15 5.85
C VAL B 65 -24.25 0.86 5.12
N ILE B 66 -23.02 0.40 5.29
CA ILE B 66 -22.61 -0.99 4.92
C ILE B 66 -22.77 -1.85 6.18
N PRO B 67 -23.90 -2.57 6.30
CA PRO B 67 -24.25 -3.31 7.52
C PRO B 67 -23.83 -4.77 7.37
N VAL B 68 -22.81 -5.15 8.09
CA VAL B 68 -22.19 -6.51 8.03
C VAL B 68 -22.85 -7.31 9.17
N LEU B 69 -23.82 -8.15 8.81
CA LEU B 69 -24.57 -9.02 9.76
C LEU B 69 -23.70 -10.23 10.11
N GLN B 70 -23.28 -10.34 11.37
CA GLN B 70 -22.36 -11.39 11.84
C GLN B 70 -23.12 -12.37 12.75
N ARG B 71 -23.31 -13.60 12.31
CA ARG B 71 -24.00 -14.64 13.13
C ARG B 71 -23.08 -15.85 13.16
N THR B 72 -22.82 -16.39 14.33
CA THR B 72 -21.89 -17.52 14.38
C THR B 72 -22.50 -18.69 13.60
N LEU B 73 -21.60 -19.43 12.96
CA LEU B 73 -21.89 -20.65 12.15
C LEU B 73 -22.77 -20.31 10.96
N HIS B 74 -22.78 -19.04 10.56
CA HIS B 74 -23.46 -18.58 9.32
C HIS B 74 -22.47 -17.79 8.49
N TYR B 75 -22.75 -17.68 7.20
CA TYR B 75 -21.98 -16.73 6.38
C TYR B 75 -22.23 -15.32 6.87
N GLU B 76 -21.20 -14.49 6.82
CA GLU B 76 -21.36 -13.03 7.01
C GLU B 76 -22.29 -12.51 5.90
N CYS B 77 -23.26 -11.68 6.24
CA CYS B 77 -24.21 -11.11 5.26
C CYS B 77 -24.07 -9.60 5.22
N ILE B 78 -24.38 -9.05 4.06
CA ILE B 78 -24.54 -7.59 3.90
C ILE B 78 -26.05 -7.35 3.88
N VAL B 79 -26.50 -6.44 4.73
CA VAL B 79 -27.96 -6.18 4.88
C VAL B 79 -28.31 -5.06 3.90
N LEU B 80 -29.20 -5.31 2.96
CA LEU B 80 -29.60 -4.26 1.98
C LEU B 80 -31.10 -4.01 2.12
N VAL B 81 -31.56 -2.95 1.48
CA VAL B 81 -33.00 -2.61 1.50
C VAL B 81 -33.53 -2.49 0.10
N LYS B 82 -34.79 -2.87 -0.05
CA LYS B 82 -35.51 -2.76 -1.33
C LYS B 82 -36.66 -1.79 -1.11
N GLN B 83 -36.78 -0.79 -1.96
CA GLN B 83 -37.85 0.24 -1.85
C GLN B 83 -38.21 0.72 -3.24
N PHE B 84 -39.45 1.19 -3.40
CA PHE B 84 -39.89 1.90 -4.61
C PHE B 84 -39.19 3.25 -4.62
N ARG B 85 -38.60 3.60 -5.74
CA ARG B 85 -37.96 4.93 -5.85
C ARG B 85 -38.63 5.72 -6.94
N PRO B 86 -39.41 6.77 -6.59
CA PRO B 86 -40.20 7.45 -7.60
C PRO B 86 -39.37 7.96 -8.79
N PRO B 87 -38.15 8.49 -8.58
CA PRO B 87 -37.38 8.98 -9.72
C PRO B 87 -37.06 7.86 -10.69
N MET B 88 -36.88 6.63 -10.17
CA MET B 88 -36.50 5.48 -11.02
C MET B 88 -37.74 4.87 -11.64
N GLY B 89 -38.93 5.15 -11.12
CA GLY B 89 -40.16 4.47 -11.58
C GLY B 89 -40.16 2.99 -11.27
N GLY B 90 -39.42 2.52 -10.25
CA GLY B 90 -39.30 1.09 -9.97
C GLY B 90 -38.61 0.83 -8.64
N TYR B 91 -38.43 -0.45 -8.31
CA TYR B 91 -37.82 -0.90 -7.04
C TYR B 91 -36.30 -1.01 -7.23
N CYS B 92 -35.57 -0.53 -6.23
CA CYS B 92 -34.09 -0.50 -6.14
C CYS B 92 -33.63 -1.26 -4.90
N ILE B 93 -32.47 -1.88 -5.04
CA ILE B 93 -31.73 -2.55 -3.94
C ILE B 93 -30.57 -1.64 -3.57
N GLU B 94 -30.49 -1.23 -2.32
CA GLU B 94 -29.54 -0.19 -1.84
C GLU B 94 -28.98 -0.55 -0.47
N PHE B 95 -27.88 0.10 -0.09
CA PHE B 95 -27.48 0.14 1.33
C PHE B 95 -28.56 0.93 2.07
N PRO B 96 -28.89 0.58 3.31
CA PRO B 96 -29.71 1.46 4.13
C PRO B 96 -29.09 2.85 4.17
N ALA B 97 -29.93 3.87 4.10
CA ALA B 97 -29.47 5.24 3.88
C ALA B 97 -30.59 6.23 4.16
N GLY B 98 -30.16 7.42 4.56
CA GLY B 98 -31.03 8.58 4.63
C GLY B 98 -30.27 9.85 4.91
N LEU B 99 -31.00 10.96 4.89
CA LEU B 99 -30.42 12.30 5.09
C LEU B 99 -30.06 12.45 6.57
N ILE B 100 -28.98 13.18 6.82
CA ILE B 100 -28.45 13.49 8.17
C ILE B 100 -29.31 14.64 8.73
N ASP B 101 -29.93 14.43 9.88
CA ASP B 101 -30.74 15.44 10.61
C ASP B 101 -29.85 16.62 11.02
N ASP B 102 -30.41 17.83 11.02
CA ASP B 102 -29.72 19.07 11.48
C ASP B 102 -29.09 18.80 12.86
N GLY B 103 -27.76 18.91 12.98
CA GLY B 103 -27.01 18.70 14.23
C GLY B 103 -27.02 17.25 14.69
N GLU B 104 -27.08 16.32 13.75
CA GLU B 104 -26.84 14.88 13.99
C GLU B 104 -25.44 14.57 13.44
N THR B 105 -24.66 13.72 14.09
CA THR B 105 -23.35 13.28 13.54
C THR B 105 -23.60 12.20 12.48
N PRO B 106 -22.69 12.03 11.49
CA PRO B 106 -22.85 10.94 10.53
C PRO B 106 -22.96 9.55 11.16
N GLU B 107 -22.16 9.24 12.17
CA GLU B 107 -22.27 7.97 12.93
C GLU B 107 -23.68 7.79 13.51
N ALA B 108 -24.26 8.84 14.11
CA ALA B 108 -25.57 8.69 14.78
C ALA B 108 -26.65 8.56 13.71
N ALA B 109 -26.50 9.25 12.57
CA ALA B 109 -27.47 9.14 11.46
C ALA B 109 -27.43 7.69 10.93
N ALA B 110 -26.25 7.09 10.89
CA ALA B 110 -25.99 5.73 10.36
C ALA B 110 -26.70 4.70 11.23
N LEU B 111 -26.52 4.77 12.56
CA LEU B 111 -27.19 3.78 13.43
C LEU B 111 -28.68 4.03 13.42
N ARG B 112 -29.09 5.29 13.42
CA ARG B 112 -30.53 5.64 13.39
C ARG B 112 -31.15 5.08 12.11
N GLU B 113 -30.59 5.39 10.94
CA GLU B 113 -31.24 4.96 9.68
C GLU B 113 -31.24 3.43 9.60
N LEU B 114 -30.16 2.79 10.03
CA LEU B 114 -30.09 1.30 9.99
C LEU B 114 -31.24 0.73 10.82
N GLU B 115 -31.49 1.30 12.00
CA GLU B 115 -32.54 0.75 12.89
C GLU B 115 -33.92 0.99 12.29
N GLU B 116 -34.16 2.20 11.79
CA GLU B 116 -35.47 2.54 11.18
C GLU B 116 -35.72 1.65 9.96
N GLU B 117 -34.71 1.43 9.10
CA GLU B 117 -34.93 0.78 7.80
C GLU B 117 -34.90 -0.77 7.94
N THR B 118 -34.17 -1.31 8.92
CA THR B 118 -33.92 -2.78 9.00
C THR B 118 -34.37 -3.36 10.34
N GLY B 119 -34.50 -2.51 11.36
CA GLY B 119 -34.66 -2.95 12.76
C GLY B 119 -33.36 -3.38 13.40
N TYR B 120 -32.23 -3.49 12.70
CA TYR B 120 -30.98 -3.94 13.36
C TYR B 120 -30.32 -2.83 14.15
N LYS B 121 -29.72 -3.21 15.27
CA LYS B 121 -28.90 -2.34 16.15
C LYS B 121 -27.44 -2.70 15.95
N GLY B 122 -26.65 -1.76 15.42
CA GLY B 122 -25.27 -2.02 14.99
C GLY B 122 -24.24 -1.29 15.80
N ASP B 123 -22.98 -1.63 15.55
CA ASP B 123 -21.81 -0.91 16.08
C ASP B 123 -21.04 -0.28 14.91
N ILE B 124 -20.62 0.97 15.08
CA ILE B 124 -19.78 1.69 14.10
C ILE B 124 -18.43 0.98 13.98
N ALA B 125 -17.99 0.69 12.76
CA ALA B 125 -16.63 0.16 12.53
C ALA B 125 -15.74 1.26 11.95
N GLU B 126 -16.23 2.04 11.00
CA GLU B 126 -15.45 3.12 10.36
C GLU B 126 -16.45 4.02 9.62
N CYS B 127 -16.00 5.24 9.30
CA CYS B 127 -16.85 6.29 8.71
C CYS B 127 -16.00 6.99 7.65
N SER B 128 -16.49 7.04 6.41
CA SER B 128 -15.75 7.68 5.32
C SER B 128 -15.75 9.20 5.50
N PRO B 129 -14.87 9.94 4.82
CA PRO B 129 -15.10 11.37 4.59
C PRO B 129 -16.29 11.55 3.64
N ALA B 130 -16.74 12.79 3.48
CA ALA B 130 -17.88 13.02 2.56
C ALA B 130 -17.40 12.59 1.16
N VAL B 131 -18.21 11.80 0.48
CA VAL B 131 -17.92 11.27 -0.89
C VAL B 131 -19.06 11.66 -1.83
N CYS B 132 -18.77 11.96 -3.10
CA CYS B 132 -19.82 12.48 -3.99
C CYS B 132 -20.64 11.37 -4.67
N MET B 133 -21.90 11.65 -4.88
CA MET B 133 -22.88 10.69 -5.40
C MET B 133 -22.84 10.63 -6.93
N ASP B 134 -22.83 11.78 -7.60
CA ASP B 134 -22.89 11.87 -9.06
C ASP B 134 -22.36 13.26 -9.44
N PRO B 135 -21.04 13.48 -9.39
CA PRO B 135 -20.53 14.85 -9.29
C PRO B 135 -20.66 15.63 -10.62
N GLY B 136 -20.90 14.96 -11.75
CA GLY B 136 -21.26 15.63 -13.01
C GLY B 136 -22.68 16.17 -12.98
N LEU B 137 -23.50 15.72 -12.04
CA LEU B 137 -24.94 16.05 -12.05
C LEU B 137 -25.21 16.96 -10.87
N SER B 138 -24.75 16.60 -9.69
CA SER B 138 -25.22 17.17 -8.41
C SER B 138 -24.05 17.46 -7.47
N ASN B 139 -24.30 18.25 -6.44
CA ASN B 139 -23.30 18.40 -5.35
C ASN B 139 -23.56 17.41 -4.22
N CYS B 140 -24.40 16.36 -4.43
CA CYS B 140 -24.85 15.49 -3.33
C CYS B 140 -23.69 14.68 -2.80
N THR B 141 -23.60 14.62 -1.48
CA THR B 141 -22.56 13.84 -0.80
C THR B 141 -23.17 13.00 0.31
N ILE B 142 -22.45 11.92 0.66
CA ILE B 142 -22.79 11.07 1.81
C ILE B 142 -21.52 10.72 2.54
N HIS B 143 -21.69 10.26 3.79
CA HIS B 143 -20.68 9.44 4.48
C HIS B 143 -21.08 7.97 4.34
N ILE B 144 -20.15 7.13 3.94
CA ILE B 144 -20.34 5.66 3.93
C ILE B 144 -19.89 5.18 5.31
N VAL B 145 -20.82 4.60 6.02
CA VAL B 145 -20.55 4.16 7.41
C VAL B 145 -20.63 2.63 7.45
N THR B 146 -19.49 2.01 7.79
CA THR B 146 -19.37 0.55 7.94
C THR B 146 -19.85 0.23 9.37
N VAL B 147 -20.82 -0.65 9.48
CA VAL B 147 -21.44 -0.99 10.78
C VAL B 147 -21.44 -2.50 10.89
N THR B 148 -21.04 -3.06 12.03
CA THR B 148 -21.17 -4.51 12.25
C THR B 148 -22.43 -4.72 13.08
N ILE B 149 -23.18 -5.78 12.81
CA ILE B 149 -24.42 -6.15 13.56
C ILE B 149 -24.17 -7.52 14.21
N ASN B 150 -24.25 -7.60 15.53
CA ASN B 150 -24.11 -8.90 16.22
C ASN B 150 -25.45 -9.57 16.14
N GLY B 151 -25.66 -10.45 15.16
CA GLY B 151 -26.97 -11.06 14.91
C GLY B 151 -27.31 -12.11 15.98
N ASP B 152 -26.36 -12.39 16.87
CA ASP B 152 -26.52 -13.38 17.97
C ASP B 152 -27.00 -12.66 19.24
N ASP B 153 -26.99 -11.33 19.27
CA ASP B 153 -27.53 -10.58 20.44
C ASP B 153 -29.05 -10.62 20.40
N ALA B 154 -29.69 -10.66 21.58
CA ALA B 154 -31.16 -10.67 21.72
C ALA B 154 -31.79 -9.45 21.03
N GLU B 155 -31.14 -8.29 21.04
CA GLU B 155 -31.77 -7.07 20.47
C GLU B 155 -31.90 -7.23 18.94
N ASN B 156 -31.15 -8.15 18.32
CA ASN B 156 -31.15 -8.35 16.84
C ASN B 156 -31.79 -9.70 16.51
N ALA B 157 -32.47 -10.34 17.48
CA ALA B 157 -33.19 -11.62 17.28
C ALA B 157 -34.36 -11.43 16.30
N ARG B 158 -35.28 -10.50 16.63
CA ARG B 158 -36.52 -10.25 15.85
C ARG B 158 -36.55 -8.77 15.49
N PRO B 159 -35.68 -8.30 14.57
CA PRO B 159 -35.42 -6.86 14.42
C PRO B 159 -36.70 -6.07 14.08
N LYS B 160 -36.94 -4.96 14.80
CA LYS B 160 -38.14 -4.09 14.67
C LYS B 160 -37.85 -2.87 13.79
N PRO B 161 -38.10 -2.91 12.46
CA PRO B 161 -37.94 -1.75 11.59
C PRO B 161 -39.01 -0.68 11.82
N LYS B 162 -38.59 0.57 12.11
CA LYS B 162 -39.48 1.71 12.46
C LYS B 162 -39.56 2.67 11.28
N PRO B 163 -40.37 2.36 10.24
CA PRO B 163 -40.51 3.24 9.07
C PRO B 163 -41.15 4.59 9.43
N GLY B 164 -40.48 5.71 9.11
CA GLY B 164 -41.08 7.05 9.12
C GLY B 164 -42.30 7.09 8.20
N ASP B 165 -43.07 8.19 8.21
CA ASP B 165 -44.24 8.38 7.32
C ASP B 165 -43.76 8.28 5.86
N GLY B 166 -44.46 7.50 5.03
CA GLY B 166 -44.19 7.39 3.58
C GLY B 166 -42.91 6.62 3.24
N GLU B 167 -42.25 5.95 4.18
CA GLU B 167 -41.16 4.96 3.91
C GLU B 167 -41.79 3.56 3.95
N PHE B 168 -41.41 2.69 3.00
CA PHE B 168 -41.92 1.29 2.88
C PHE B 168 -40.78 0.42 2.33
N VAL B 169 -40.09 -0.25 3.25
CA VAL B 169 -38.74 -0.81 3.02
C VAL B 169 -38.78 -2.31 3.28
N GLU B 170 -38.26 -3.10 2.35
CA GLU B 170 -38.07 -4.56 2.54
C GLU B 170 -36.58 -4.80 2.80
N VAL B 171 -36.26 -5.74 3.68
CA VAL B 171 -34.86 -6.04 4.07
C VAL B 171 -34.42 -7.29 3.29
N ILE B 172 -33.24 -7.22 2.69
CA ILE B 172 -32.65 -8.37 1.95
C ILE B 172 -31.21 -8.52 2.43
N SER B 173 -30.94 -9.65 3.09
CA SER B 173 -29.60 -9.99 3.62
C SER B 173 -28.96 -10.98 2.68
N LEU B 174 -27.80 -10.66 2.11
CA LEU B 174 -27.16 -11.53 1.12
C LEU B 174 -25.79 -11.87 1.65
N PRO B 175 -25.27 -13.09 1.38
CA PRO B 175 -23.95 -13.44 1.88
C PRO B 175 -22.85 -12.60 1.22
N LYS B 176 -21.95 -12.06 2.04
CA LYS B 176 -20.84 -11.20 1.60
C LYS B 176 -19.98 -11.94 0.57
N ASN B 177 -19.61 -13.22 0.84
CA ASN B 177 -18.64 -13.94 -0.05
C ASN B 177 -19.32 -14.38 -1.36
N ASP B 178 -20.63 -14.16 -1.57
CA ASP B 178 -21.24 -14.43 -2.90
C ASP B 178 -21.97 -13.19 -3.44
N LEU B 179 -21.64 -11.98 -2.94
CA LEU B 179 -22.59 -10.85 -3.05
C LEU B 179 -22.89 -10.54 -4.51
N LEU B 180 -21.87 -10.42 -5.35
CA LEU B 180 -22.06 -10.00 -6.76
C LEU B 180 -22.98 -10.99 -7.50
N GLN B 181 -22.76 -12.29 -7.31
CA GLN B 181 -23.59 -13.34 -7.96
C GLN B 181 -25.03 -13.24 -7.46
N ARG B 182 -25.25 -13.05 -6.16
CA ARG B 182 -26.62 -12.95 -5.60
C ARG B 182 -27.33 -11.71 -6.16
N LEU B 183 -26.64 -10.57 -6.34
CA LEU B 183 -27.27 -9.34 -6.88
C LEU B 183 -27.64 -9.52 -8.36
N ASP B 184 -26.74 -10.10 -9.12
CA ASP B 184 -26.96 -10.40 -10.57
C ASP B 184 -28.22 -11.27 -10.69
N ALA B 185 -28.38 -12.25 -9.81
CA ALA B 185 -29.56 -13.15 -9.81
C ALA B 185 -30.83 -12.35 -9.52
N LEU B 186 -30.84 -11.47 -8.51
CA LEU B 186 -32.02 -10.64 -8.18
C LEU B 186 -32.43 -9.77 -9.37
N VAL B 187 -31.46 -9.21 -10.10
CA VAL B 187 -31.73 -8.33 -11.27
C VAL B 187 -32.44 -9.13 -12.38
N ALA B 188 -31.94 -10.33 -12.65
CA ALA B 188 -32.40 -11.22 -13.74
C ALA B 188 -33.81 -11.73 -13.43
N GLU B 189 -34.09 -12.11 -12.18
CA GLU B 189 -35.40 -12.71 -11.83
C GLU B 189 -36.40 -11.62 -11.42
N GLU B 190 -36.00 -10.61 -10.65
CA GLU B 190 -36.98 -9.74 -9.93
C GLU B 190 -37.18 -8.38 -10.65
N HIS B 191 -36.44 -8.09 -11.73
CA HIS B 191 -36.47 -6.79 -12.47
C HIS B 191 -36.33 -5.60 -11.49
N LEU B 192 -35.37 -5.71 -10.56
CA LEU B 192 -34.94 -4.66 -9.61
C LEU B 192 -33.73 -3.93 -10.21
N THR B 193 -33.46 -2.70 -9.76
CA THR B 193 -32.23 -1.98 -10.12
C THR B 193 -31.32 -1.96 -8.88
N VAL B 194 -30.08 -2.43 -9.03
CA VAL B 194 -29.09 -2.40 -7.97
C VAL B 194 -28.43 -1.02 -7.98
N ASP B 195 -28.20 -0.53 -6.78
CA ASP B 195 -27.49 0.72 -6.56
C ASP B 195 -26.02 0.61 -6.97
N ALA B 196 -25.43 1.67 -7.53
CA ALA B 196 -24.06 1.61 -8.08
C ALA B 196 -23.01 1.47 -6.99
N ARG B 197 -23.27 2.03 -5.81
CA ARG B 197 -22.35 1.82 -4.67
C ARG B 197 -22.39 0.35 -4.23
N VAL B 198 -23.58 -0.23 -4.09
CA VAL B 198 -23.73 -1.66 -3.70
C VAL B 198 -22.99 -2.50 -4.76
N TYR B 199 -23.18 -2.20 -6.03
CA TYR B 199 -22.58 -3.01 -7.11
C TYR B 199 -21.05 -2.88 -7.09
N SER B 200 -20.54 -1.67 -6.85
CA SER B 200 -19.10 -1.39 -6.79
C SER B 200 -18.46 -2.17 -5.66
N TYR B 201 -19.10 -2.17 -4.50
CA TYR B 201 -18.68 -2.95 -3.30
C TYR B 201 -18.59 -4.44 -3.68
N ALA B 202 -19.66 -4.94 -4.28
CA ALA B 202 -19.76 -6.37 -4.64
C ALA B 202 -18.65 -6.74 -5.64
N LEU B 203 -18.41 -5.88 -6.63
CA LEU B 203 -17.35 -6.12 -7.61
C LEU B 203 -16.00 -6.26 -6.92
N ALA B 204 -15.66 -5.30 -6.04
CA ALA B 204 -14.37 -5.31 -5.35
C ALA B 204 -14.24 -6.55 -4.47
N LEU B 205 -15.32 -7.06 -3.88
CA LEU B 205 -15.18 -8.30 -3.08
C LEU B 205 -14.67 -9.42 -3.99
N LYS B 206 -15.13 -9.44 -5.23
CA LYS B 206 -14.68 -10.46 -6.23
C LYS B 206 -13.27 -10.13 -6.70
N HIS B 207 -12.96 -8.86 -7.00
CA HIS B 207 -11.66 -8.42 -7.56
C HIS B 207 -10.49 -8.47 -6.55
N ALA B 208 -10.77 -8.49 -5.24
CA ALA B 208 -9.73 -8.55 -4.18
C ALA B 208 -8.81 -9.77 -4.39
N ASN B 209 -9.41 -10.88 -4.83
CA ASN B 209 -8.75 -12.05 -5.51
C ASN B 209 -7.70 -11.59 -6.54
N GLN C 16 13.03 -13.54 -15.07
CA GLN C 16 13.67 -14.68 -14.35
C GLN C 16 12.69 -15.21 -13.30
N TYR C 17 12.76 -16.49 -12.97
CA TYR C 17 11.82 -17.10 -12.00
C TYR C 17 12.43 -18.40 -11.48
N ILE C 18 11.89 -18.86 -10.35
CA ILE C 18 12.31 -20.11 -9.66
C ILE C 18 11.65 -21.28 -10.39
N ILE C 19 12.44 -22.30 -10.72
CA ILE C 19 11.93 -23.57 -11.31
C ILE C 19 11.63 -24.55 -10.17
N SER C 20 12.49 -24.66 -9.16
CA SER C 20 12.37 -25.64 -8.06
C SER C 20 13.34 -25.33 -6.91
N GLU C 21 12.89 -25.66 -5.69
CA GLU C 21 13.65 -25.60 -4.42
C GLU C 21 13.74 -27.03 -3.90
N GLU C 22 14.96 -27.60 -3.91
CA GLU C 22 15.28 -28.99 -3.50
C GLU C 22 16.05 -28.90 -2.17
N LEU C 23 15.50 -29.52 -1.14
CA LEU C 23 16.10 -29.53 0.22
C LEU C 23 17.42 -30.32 0.19
N ILE C 24 18.52 -29.73 0.71
CA ILE C 24 19.85 -30.40 0.89
C ILE C 24 19.98 -30.89 2.34
N SER C 25 19.72 -30.03 3.32
CA SER C 25 19.92 -30.31 4.77
C SER C 25 19.10 -29.33 5.61
N GLU C 26 18.33 -29.85 6.56
CA GLU C 26 17.39 -29.07 7.41
C GLU C 26 17.75 -29.34 8.87
N GLY C 27 18.08 -28.28 9.62
CA GLY C 27 18.25 -28.34 11.08
C GLY C 27 16.98 -27.86 11.77
N LYS C 28 17.08 -27.51 13.06
CA LYS C 28 15.98 -26.95 13.88
C LYS C 28 15.69 -25.48 13.54
N TRP C 29 16.72 -24.71 13.13
CA TRP C 29 16.62 -23.23 12.92
C TRP C 29 16.89 -22.85 11.47
N VAL C 30 17.76 -23.59 10.77
CA VAL C 30 18.22 -23.20 9.40
C VAL C 30 18.14 -24.41 8.46
N LYS C 31 17.89 -24.17 7.16
CA LYS C 31 17.92 -25.21 6.09
C LYS C 31 18.78 -24.71 4.94
N LEU C 32 19.41 -25.63 4.20
CA LEU C 32 20.20 -25.35 2.97
C LEU C 32 19.41 -25.95 1.80
N GLU C 33 19.30 -25.25 0.66
CA GLU C 33 18.53 -25.72 -0.53
C GLU C 33 19.35 -25.56 -1.80
N LYS C 34 19.08 -26.42 -2.79
CA LYS C 34 19.53 -26.22 -4.21
C LYS C 34 18.38 -25.51 -4.89
N THR C 35 18.62 -24.30 -5.42
CA THR C 35 17.61 -23.51 -6.16
C THR C 35 17.90 -23.66 -7.65
N THR C 36 16.87 -23.97 -8.43
CA THR C 36 16.97 -24.05 -9.91
C THR C 36 16.13 -22.90 -10.46
N TYR C 37 16.71 -22.06 -11.32
CA TYR C 37 16.03 -20.83 -11.79
C TYR C 37 16.31 -20.62 -13.27
N MET C 38 15.41 -19.90 -13.95
CA MET C 38 15.59 -19.46 -15.36
C MET C 38 16.29 -18.11 -15.37
N ASP C 39 17.40 -18.00 -16.12
CA ASP C 39 18.09 -16.71 -16.37
C ASP C 39 17.37 -16.01 -17.50
N PRO C 40 17.70 -14.73 -17.83
CA PRO C 40 16.90 -13.97 -18.79
C PRO C 40 17.15 -14.37 -20.25
N THR C 41 18.23 -15.10 -20.54
CA THR C 41 18.48 -15.66 -21.91
C THR C 41 17.67 -16.94 -22.14
N GLY C 42 17.14 -17.57 -21.08
CA GLY C 42 16.44 -18.86 -21.13
C GLY C 42 17.30 -20.08 -20.78
N LYS C 43 18.47 -19.85 -20.17
CA LYS C 43 19.36 -20.92 -19.64
C LYS C 43 18.94 -21.24 -18.21
N THR C 44 18.87 -22.54 -17.89
CA THR C 44 18.50 -23.05 -16.55
C THR C 44 19.77 -22.98 -15.69
N ARG C 45 19.73 -22.36 -14.50
CA ARG C 45 20.94 -22.28 -13.65
C ARG C 45 20.57 -22.75 -12.26
N THR C 46 21.58 -22.93 -11.42
CA THR C 46 21.39 -23.41 -10.04
C THR C 46 22.05 -22.43 -9.06
N TRP C 47 21.61 -22.46 -7.83
CA TRP C 47 22.14 -21.60 -6.73
C TRP C 47 22.01 -22.34 -5.41
N GLU C 48 22.96 -22.14 -4.50
CA GLU C 48 22.87 -22.70 -3.12
C GLU C 48 22.31 -21.62 -2.18
N SER C 49 21.09 -21.87 -1.70
CA SER C 49 20.26 -20.91 -0.92
C SER C 49 20.08 -21.36 0.53
N VAL C 50 20.08 -20.41 1.44
CA VAL C 50 19.79 -20.65 2.88
C VAL C 50 18.44 -20.04 3.24
N LYS C 51 17.67 -20.72 4.10
CA LYS C 51 16.39 -20.22 4.65
C LYS C 51 16.29 -20.62 6.13
N ARG C 52 15.59 -19.82 6.93
CA ARG C 52 15.30 -20.18 8.34
C ARG C 52 14.09 -21.12 8.33
N THR C 53 13.88 -21.89 9.40
CA THR C 53 12.79 -22.90 9.48
C THR C 53 11.60 -22.32 10.24
N THR C 54 11.79 -21.15 10.85
CA THR C 54 10.96 -20.52 11.92
C THR C 54 9.87 -19.59 11.37
N ARG C 55 9.85 -19.31 10.05
CA ARG C 55 8.99 -18.25 9.44
C ARG C 55 7.63 -18.82 9.02
N LYS C 56 6.55 -18.38 9.70
CA LYS C 56 5.13 -18.79 9.42
C LYS C 56 4.51 -17.82 8.41
N GLU C 57 3.54 -17.00 8.83
CA GLU C 57 2.89 -15.96 7.99
C GLU C 57 3.45 -14.57 8.35
N GLN C 58 4.44 -14.49 9.26
CA GLN C 58 5.12 -13.22 9.60
C GLN C 58 5.45 -12.46 8.30
N THR C 59 5.41 -11.13 8.35
CA THR C 59 5.79 -10.18 7.26
C THR C 59 7.27 -10.34 6.88
N ALA C 60 8.06 -10.92 7.79
CA ALA C 60 9.52 -11.07 7.73
C ALA C 60 9.96 -12.04 8.83
N ASP C 61 11.20 -12.49 8.79
CA ASP C 61 11.73 -13.36 9.86
C ASP C 61 11.81 -12.56 11.16
N GLY C 62 12.31 -11.33 11.09
CA GLY C 62 12.70 -10.62 12.33
C GLY C 62 12.44 -9.15 12.30
N VAL C 63 12.78 -8.50 13.40
CA VAL C 63 12.84 -7.03 13.43
C VAL C 63 14.25 -6.63 13.87
N ALA C 64 14.68 -5.47 13.41
CA ALA C 64 15.86 -4.78 13.99
C ALA C 64 15.34 -3.41 14.41
N VAL C 65 15.73 -2.97 15.58
CA VAL C 65 15.20 -1.74 16.21
C VAL C 65 16.31 -0.70 16.14
N ILE C 66 15.98 0.44 15.54
CA ILE C 66 16.85 1.62 15.63
C ILE C 66 16.36 2.47 16.80
N PRO C 67 16.99 2.37 18.01
CA PRO C 67 16.42 2.97 19.22
C PRO C 67 17.10 4.29 19.50
N VAL C 68 16.33 5.34 19.30
CA VAL C 68 16.84 6.72 19.42
C VAL C 68 16.49 7.23 20.84
N LEU C 69 17.51 7.30 21.68
CA LEU C 69 17.44 7.83 23.05
C LEU C 69 17.41 9.35 23.02
N GLN C 70 16.27 9.91 23.39
CA GLN C 70 15.98 11.36 23.33
C GLN C 70 15.91 11.94 24.74
N ARG C 71 16.63 13.02 24.94
CA ARG C 71 16.78 13.65 26.28
C ARG C 71 16.85 15.15 26.11
N THR C 72 16.19 15.86 27.02
CA THR C 72 16.00 17.33 26.99
C THR C 72 17.34 18.01 26.85
N LEU C 73 18.33 17.50 27.60
CA LEU C 73 19.60 18.24 27.78
C LEU C 73 20.64 17.80 26.78
N HIS C 74 20.37 16.77 25.96
CA HIS C 74 21.47 16.08 25.25
C HIS C 74 21.15 15.88 23.78
N TYR C 75 22.20 15.73 23.01
CA TYR C 75 22.10 15.16 21.65
C TYR C 75 21.55 13.74 21.80
N GLU C 76 20.91 13.28 20.74
CA GLU C 76 20.36 11.90 20.68
C GLU C 76 21.49 10.88 20.72
N CYS C 77 21.19 9.72 21.32
CA CYS C 77 22.03 8.52 21.24
C CYS C 77 21.29 7.43 20.48
N ILE C 78 22.08 6.54 19.91
CA ILE C 78 21.59 5.26 19.32
C ILE C 78 21.96 4.18 20.31
N VAL C 79 20.98 3.40 20.72
CA VAL C 79 21.19 2.31 21.71
C VAL C 79 21.51 1.03 20.93
N LEU C 80 22.64 0.41 21.23
CA LEU C 80 23.09 -0.80 20.49
C LEU C 80 23.32 -1.89 21.53
N VAL C 81 23.45 -3.12 21.04
CA VAL C 81 23.73 -4.26 21.94
C VAL C 81 24.98 -4.97 21.47
N LYS C 82 25.71 -5.45 22.46
CA LYS C 82 26.91 -6.26 22.22
C LYS C 82 26.64 -7.66 22.77
N GLN C 83 26.83 -8.66 21.93
CA GLN C 83 26.58 -10.07 22.30
C GLN C 83 27.53 -10.99 21.57
N PHE C 84 27.82 -12.10 22.23
CA PHE C 84 28.53 -13.20 21.58
C PHE C 84 27.62 -13.84 20.55
N ARG C 85 28.14 -14.01 19.35
CA ARG C 85 27.42 -14.61 18.19
C ARG C 85 28.18 -15.83 17.74
N PRO C 86 27.64 -17.04 18.05
CA PRO C 86 28.37 -18.28 17.73
C PRO C 86 28.80 -18.44 16.27
N PRO C 87 28.00 -18.06 15.23
CA PRO C 87 28.45 -18.16 13.85
C PRO C 87 29.71 -17.33 13.52
N MET C 88 29.87 -16.19 14.21
CA MET C 88 31.04 -15.31 14.09
C MET C 88 32.19 -15.75 15.00
N GLY C 89 31.92 -16.58 16.01
CA GLY C 89 32.94 -16.97 17.00
C GLY C 89 33.47 -15.76 17.74
N GLY C 90 32.62 -14.76 17.97
CA GLY C 90 33.05 -13.57 18.72
C GLY C 90 31.93 -12.60 18.91
N TYR C 91 32.26 -11.45 19.48
CA TYR C 91 31.27 -10.43 19.91
C TYR C 91 30.93 -9.53 18.73
N CYS C 92 29.64 -9.18 18.64
CA CYS C 92 29.13 -8.27 17.60
C CYS C 92 28.40 -7.12 18.24
N ILE C 93 28.48 -5.95 17.57
CA ILE C 93 27.73 -4.75 17.95
C ILE C 93 26.60 -4.56 16.92
N GLU C 94 25.39 -4.55 17.42
CA GLU C 94 24.18 -4.61 16.55
C GLU C 94 23.07 -3.74 17.07
N PHE C 95 22.09 -3.48 16.18
CA PHE C 95 20.80 -2.99 16.67
C PHE C 95 20.14 -4.10 17.50
N PRO C 96 19.40 -3.73 18.57
CA PRO C 96 18.53 -4.68 19.26
C PRO C 96 17.63 -5.35 18.21
N ALA C 97 17.49 -6.66 18.29
CA ALA C 97 16.82 -7.43 17.24
C ALA C 97 16.34 -8.78 17.74
N GLY C 98 15.35 -9.33 17.07
CA GLY C 98 14.89 -10.70 17.34
C GLY C 98 13.83 -11.14 16.33
N LEU C 99 13.54 -12.44 16.32
CA LEU C 99 12.48 -13.04 15.46
C LEU C 99 11.10 -12.58 15.91
N ILE C 100 10.22 -12.34 14.93
CA ILE C 100 8.80 -11.92 15.19
C ILE C 100 8.05 -13.19 15.63
N ASP C 101 7.44 -13.18 16.83
CA ASP C 101 6.68 -14.34 17.35
C ASP C 101 5.49 -14.57 16.42
N ASP C 102 4.99 -15.82 16.35
CA ASP C 102 3.73 -16.13 15.63
C ASP C 102 2.61 -15.26 16.24
N GLY C 103 1.82 -14.58 15.41
CA GLY C 103 0.67 -13.75 15.86
C GLY C 103 1.08 -12.33 16.20
N GLU C 104 2.39 -12.05 16.22
CA GLU C 104 2.98 -10.77 16.70
C GLU C 104 3.16 -9.81 15.52
N THR C 105 2.80 -8.54 15.70
CA THR C 105 3.09 -7.50 14.70
C THR C 105 4.58 -7.15 14.77
N PRO C 106 5.19 -6.67 13.66
CA PRO C 106 6.58 -6.21 13.72
C PRO C 106 6.74 -5.14 14.80
N GLU C 107 5.79 -4.20 14.89
CA GLU C 107 5.85 -3.07 15.86
C GLU C 107 5.90 -3.64 17.29
N ALA C 108 5.04 -4.62 17.60
CA ALA C 108 4.95 -5.24 18.94
C ALA C 108 6.28 -5.96 19.21
N ALA C 109 6.76 -6.74 18.24
CA ALA C 109 8.07 -7.42 18.31
C ALA C 109 9.17 -6.41 18.65
N ALA C 110 9.18 -5.25 17.99
CA ALA C 110 10.26 -4.27 18.17
C ALA C 110 10.26 -3.77 19.62
N LEU C 111 9.11 -3.36 20.16
CA LEU C 111 9.04 -2.81 21.54
C LEU C 111 9.38 -3.92 22.55
N ARG C 112 9.02 -5.16 22.23
CA ARG C 112 9.28 -6.30 23.14
C ARG C 112 10.77 -6.63 23.17
N GLU C 113 11.40 -6.82 22.00
CA GLU C 113 12.85 -7.09 21.88
C GLU C 113 13.60 -5.89 22.48
N LEU C 114 13.13 -4.66 22.24
CA LEU C 114 13.93 -3.51 22.75
C LEU C 114 13.94 -3.57 24.28
N GLU C 115 12.77 -3.75 24.88
CA GLU C 115 12.66 -3.81 26.36
C GLU C 115 13.48 -4.98 26.93
N GLU C 116 13.38 -6.17 26.32
CA GLU C 116 14.12 -7.36 26.77
C GLU C 116 15.63 -7.11 26.74
N GLU C 117 16.11 -6.48 25.66
CA GLU C 117 17.56 -6.53 25.37
C GLU C 117 18.23 -5.32 26.01
N THR C 118 17.48 -4.27 26.28
CA THR C 118 18.05 -2.99 26.79
C THR C 118 17.40 -2.47 28.07
N GLY C 119 16.18 -2.91 28.42
CA GLY C 119 15.40 -2.33 29.52
C GLY C 119 14.64 -1.06 29.15
N TYR C 120 14.88 -0.46 27.97
CA TYR C 120 14.19 0.77 27.58
C TYR C 120 12.75 0.52 27.16
N LYS C 121 11.86 1.40 27.59
CA LYS C 121 10.48 1.46 27.07
C LYS C 121 10.41 2.54 25.99
N GLY C 122 10.14 2.14 24.75
CA GLY C 122 10.09 3.03 23.57
C GLY C 122 8.71 3.26 23.01
N ASP C 123 8.64 4.13 22.00
CA ASP C 123 7.42 4.49 21.25
C ASP C 123 7.75 4.26 19.75
N ILE C 124 6.93 3.53 19.02
CA ILE C 124 7.17 3.32 17.56
C ILE C 124 7.25 4.68 16.90
N ALA C 125 8.27 4.91 16.05
CA ALA C 125 8.28 6.08 15.15
C ALA C 125 7.95 5.68 13.71
N GLU C 126 8.54 4.60 13.21
CA GLU C 126 8.40 4.25 11.78
C GLU C 126 8.75 2.77 11.66
N CYS C 127 8.18 2.12 10.65
CA CYS C 127 8.46 0.69 10.40
C CYS C 127 8.69 0.50 8.90
N SER C 128 9.83 -0.06 8.53
CA SER C 128 10.21 -0.29 7.11
C SER C 128 9.32 -1.38 6.54
N PRO C 129 9.30 -1.48 5.19
CA PRO C 129 8.87 -2.73 4.58
C PRO C 129 9.85 -3.88 4.89
N ALA C 130 9.46 -5.13 4.61
CA ALA C 130 10.39 -6.29 4.74
C ALA C 130 11.60 -6.06 3.81
N VAL C 131 12.81 -6.07 4.39
CA VAL C 131 14.08 -5.73 3.68
C VAL C 131 15.02 -6.92 3.86
N CYS C 132 15.81 -7.23 2.82
CA CYS C 132 16.59 -8.48 2.78
C CYS C 132 17.91 -8.28 3.53
N MET C 133 18.35 -9.34 4.19
CA MET C 133 19.62 -9.31 4.97
C MET C 133 20.85 -9.63 4.13
N ASP C 134 20.78 -10.63 3.24
CA ASP C 134 21.96 -11.08 2.49
C ASP C 134 21.43 -11.87 1.30
N PRO C 135 20.86 -11.17 0.28
CA PRO C 135 19.99 -11.84 -0.68
C PRO C 135 20.69 -12.80 -1.65
N GLY C 136 22.01 -12.67 -1.83
CA GLY C 136 22.80 -13.65 -2.61
C GLY C 136 22.98 -14.94 -1.83
N LEU C 137 22.65 -14.96 -0.55
CA LEU C 137 22.91 -16.14 0.33
C LEU C 137 21.59 -16.72 0.84
N SER C 138 20.71 -15.90 1.40
CA SER C 138 19.55 -16.35 2.21
C SER C 138 18.32 -15.56 1.77
N ASN C 139 17.14 -16.05 2.17
CA ASN C 139 15.86 -15.32 1.92
C ASN C 139 15.52 -14.47 3.14
N CYS C 140 16.44 -14.33 4.09
CA CYS C 140 16.12 -13.74 5.41
C CYS C 140 15.77 -12.27 5.27
N THR C 141 14.72 -11.87 5.96
CA THR C 141 14.18 -10.49 5.91
C THR C 141 13.89 -10.00 7.31
N ILE C 142 13.90 -8.69 7.41
CA ILE C 142 13.51 -8.01 8.67
C ILE C 142 12.63 -6.83 8.32
N HIS C 143 11.91 -6.33 9.32
CA HIS C 143 11.47 -4.94 9.39
C HIS C 143 12.46 -4.17 10.26
N ILE C 144 12.92 -3.05 9.75
CA ILE C 144 13.72 -2.04 10.50
C ILE C 144 12.73 -1.06 11.11
N VAL C 145 12.66 -1.11 12.44
CA VAL C 145 11.66 -0.33 13.20
C VAL C 145 12.41 0.77 13.95
N THR C 146 12.09 2.01 13.64
CA THR C 146 12.66 3.18 14.35
C THR C 146 11.82 3.39 15.61
N VAL C 147 12.47 3.42 16.77
CA VAL C 147 11.76 3.54 18.08
C VAL C 147 12.36 4.71 18.84
N THR C 148 11.55 5.60 19.35
CA THR C 148 12.07 6.72 20.17
C THR C 148 11.98 6.28 21.64
N ILE C 149 12.95 6.67 22.43
CA ILE C 149 12.94 6.39 23.90
C ILE C 149 12.99 7.75 24.59
N ASN C 150 12.01 8.07 25.42
CA ASN C 150 12.07 9.26 26.30
C ASN C 150 13.03 8.95 27.45
N GLY C 151 14.25 9.44 27.37
CA GLY C 151 15.31 9.17 28.38
C GLY C 151 15.07 9.98 29.64
N ASP C 152 14.17 10.94 29.63
CA ASP C 152 13.86 11.85 30.76
C ASP C 152 12.65 11.32 31.52
N ASP C 153 12.02 10.26 31.03
CA ASP C 153 10.88 9.67 31.76
C ASP C 153 11.45 8.89 32.93
N ALA C 154 10.86 9.09 34.12
CA ALA C 154 11.23 8.36 35.33
C ALA C 154 11.32 6.85 35.00
N GLU C 155 10.36 6.33 34.22
CA GLU C 155 10.27 4.88 33.89
C GLU C 155 11.49 4.40 33.09
N ASN C 156 12.26 5.30 32.46
CA ASN C 156 13.51 4.93 31.75
C ASN C 156 14.77 5.33 32.55
N ALA C 157 14.63 5.71 33.82
CA ALA C 157 15.75 6.14 34.69
C ALA C 157 16.80 5.03 34.87
N ARG C 158 16.40 3.81 35.22
CA ARG C 158 17.40 2.73 35.51
C ARG C 158 17.03 1.52 34.67
N PRO C 159 17.20 1.58 33.33
CA PRO C 159 16.80 0.46 32.49
C PRO C 159 17.56 -0.82 32.84
N LYS C 160 16.86 -1.94 32.93
CA LYS C 160 17.45 -3.28 33.22
C LYS C 160 16.96 -4.23 32.13
N PRO C 161 17.86 -4.71 31.25
CA PRO C 161 17.53 -5.76 30.31
C PRO C 161 16.92 -6.92 31.11
N LYS C 162 15.97 -7.64 30.51
CA LYS C 162 15.42 -8.92 31.02
C LYS C 162 15.65 -9.96 29.93
N PRO C 163 16.90 -10.43 29.72
CA PRO C 163 17.18 -11.31 28.59
C PRO C 163 16.61 -12.71 28.84
N GLY C 164 16.25 -13.42 27.77
CA GLY C 164 15.91 -14.86 27.81
C GLY C 164 17.05 -15.65 28.44
N ASP C 165 16.76 -16.88 28.90
CA ASP C 165 17.82 -17.83 29.31
C ASP C 165 18.71 -18.08 28.09
N GLY C 166 20.03 -18.04 28.25
CA GLY C 166 20.98 -18.18 27.12
C GLY C 166 21.24 -16.87 26.38
N GLU C 167 20.40 -15.84 26.55
CA GLU C 167 20.63 -14.47 26.00
C GLU C 167 21.49 -13.70 27.00
N PHE C 168 22.63 -13.19 26.54
CA PHE C 168 23.60 -12.42 27.34
C PHE C 168 23.93 -11.16 26.54
N VAL C 169 23.47 -10.01 27.00
CA VAL C 169 23.50 -8.75 26.20
C VAL C 169 24.07 -7.62 27.04
N GLU C 170 24.97 -6.85 26.45
CA GLU C 170 25.51 -5.61 27.05
C GLU C 170 24.99 -4.46 26.21
N VAL C 171 24.53 -3.43 26.86
CA VAL C 171 23.95 -2.25 26.18
C VAL C 171 25.06 -1.21 26.03
N ILE C 172 25.14 -0.62 24.84
CA ILE C 172 26.07 0.49 24.56
C ILE C 172 25.22 1.58 23.88
N SER C 173 25.22 2.77 24.42
CA SER C 173 24.55 3.96 23.82
C SER C 173 25.61 4.91 23.28
N LEU C 174 25.57 5.20 21.98
CA LEU C 174 26.57 6.09 21.33
C LEU C 174 25.86 7.29 20.73
N PRO C 175 26.49 8.51 20.76
CA PRO C 175 25.88 9.73 20.25
C PRO C 175 25.61 9.60 18.74
N LYS C 176 24.40 9.92 18.32
CA LYS C 176 24.02 9.84 16.90
C LYS C 176 24.98 10.70 16.08
N ASN C 177 25.34 11.88 16.62
CA ASN C 177 26.15 12.89 15.89
C ASN C 177 27.65 12.52 15.83
N ASP C 178 28.07 11.38 16.37
CA ASP C 178 29.49 10.92 16.29
C ASP C 178 29.53 9.39 16.12
N LEU C 179 28.49 8.80 15.52
CA LEU C 179 28.30 7.33 15.65
C LEU C 179 29.47 6.56 15.04
N LEU C 180 29.83 6.89 13.81
CA LEU C 180 30.86 6.15 13.05
C LEU C 180 32.19 6.20 13.81
N GLN C 181 32.64 7.38 14.23
CA GLN C 181 33.91 7.54 15.02
C GLN C 181 33.83 6.69 16.30
N ARG C 182 32.69 6.70 16.95
CA ARG C 182 32.53 6.02 18.25
C ARG C 182 32.55 4.52 17.99
N LEU C 183 31.98 4.05 16.87
CA LEU C 183 32.06 2.61 16.50
C LEU C 183 33.52 2.26 16.13
N ASP C 184 34.16 3.07 15.30
CA ASP C 184 35.58 2.91 14.91
C ASP C 184 36.44 2.76 16.16
N ALA C 185 36.17 3.53 17.21
CA ALA C 185 36.97 3.55 18.46
C ALA C 185 36.70 2.30 19.29
N LEU C 186 35.47 1.75 19.28
CA LEU C 186 35.20 0.46 19.98
C LEU C 186 35.93 -0.69 19.29
N VAL C 187 35.94 -0.71 17.96
CA VAL C 187 36.59 -1.72 17.07
C VAL C 187 38.10 -1.75 17.34
N ALA C 188 38.71 -0.59 17.63
CA ALA C 188 40.16 -0.46 17.93
C ALA C 188 40.47 -0.98 19.34
N GLU C 189 39.63 -0.70 20.34
CA GLU C 189 39.89 -1.11 21.74
C GLU C 189 39.83 -2.65 21.85
N GLU C 190 38.98 -3.33 21.06
CA GLU C 190 38.54 -4.73 21.36
C GLU C 190 38.36 -5.54 20.07
N HIS C 191 38.47 -6.87 20.15
CA HIS C 191 38.10 -7.81 19.06
C HIS C 191 36.58 -7.82 19.00
N LEU C 192 36.01 -6.99 18.13
CA LEU C 192 34.55 -7.03 17.95
C LEU C 192 34.19 -6.57 16.55
N THR C 193 33.03 -7.02 16.10
CA THR C 193 32.58 -6.81 14.70
C THR C 193 31.32 -5.97 14.75
N VAL C 194 31.26 -4.91 13.95
CA VAL C 194 30.04 -4.08 13.83
C VAL C 194 29.16 -4.70 12.75
N ASP C 195 27.89 -4.73 13.03
CA ASP C 195 26.83 -5.16 12.09
C ASP C 195 26.82 -4.24 10.86
N ALA C 196 26.61 -4.84 9.70
CA ALA C 196 26.60 -4.10 8.41
C ALA C 196 25.45 -3.08 8.33
N ARG C 197 24.31 -3.32 8.96
CA ARG C 197 23.23 -2.30 8.94
C ARG C 197 23.59 -1.15 9.87
N VAL C 198 24.14 -1.46 11.03
CA VAL C 198 24.59 -0.41 11.96
C VAL C 198 25.62 0.47 11.23
N TYR C 199 26.58 -0.15 10.58
CA TYR C 199 27.66 0.58 9.89
C TYR C 199 27.11 1.42 8.73
N SER C 200 26.17 0.90 7.98
CA SER C 200 25.54 1.63 6.85
C SER C 200 24.83 2.85 7.43
N TYR C 201 24.13 2.68 8.55
CA TYR C 201 23.39 3.76 9.22
C TYR C 201 24.41 4.83 9.62
N ALA C 202 25.49 4.42 10.30
CA ALA C 202 26.57 5.35 10.76
C ALA C 202 27.18 6.10 9.56
N LEU C 203 27.38 5.41 8.45
CA LEU C 203 28.03 6.08 7.29
C LEU C 203 27.09 7.16 6.75
N ALA C 204 25.79 6.87 6.60
CA ALA C 204 24.83 7.88 6.09
C ALA C 204 24.76 9.05 7.07
N LEU C 205 24.78 8.81 8.39
CA LEU C 205 24.72 9.96 9.33
C LEU C 205 25.89 10.90 9.00
N LYS C 206 27.08 10.35 8.79
CA LYS C 206 28.33 11.11 8.47
C LYS C 206 28.13 11.83 7.11
N HIS C 207 27.56 11.15 6.13
CA HIS C 207 27.48 11.65 4.73
C HIS C 207 26.35 12.65 4.52
N ALA C 208 25.37 12.70 5.41
CA ALA C 208 24.30 13.73 5.35
C ALA C 208 24.93 15.12 5.58
N LYS D 15 35.01 -13.84 28.07
CA LYS D 15 33.93 -14.54 28.82
C LYS D 15 33.51 -15.77 28.00
N GLN D 16 32.89 -15.63 26.81
CA GLN D 16 32.35 -16.78 26.02
C GLN D 16 33.34 -17.23 24.94
N TYR D 17 33.23 -18.47 24.46
CA TYR D 17 34.17 -19.03 23.45
C TYR D 17 33.57 -20.20 22.70
N ILE D 18 34.10 -20.44 21.51
CA ILE D 18 33.79 -21.61 20.64
C ILE D 18 34.52 -22.81 21.25
N ILE D 19 33.78 -23.88 21.55
CA ILE D 19 34.33 -25.18 22.04
C ILE D 19 34.60 -26.07 20.82
N SER D 20 33.71 -26.10 19.84
CA SER D 20 33.84 -26.97 18.63
C SER D 20 32.91 -26.56 17.49
N GLU D 21 33.24 -27.00 16.28
CA GLU D 21 32.52 -26.71 15.02
C GLU D 21 32.34 -28.02 14.24
N GLU D 22 31.10 -28.54 14.19
CA GLU D 22 30.79 -29.82 13.51
C GLU D 22 30.18 -29.51 12.13
N LEU D 23 30.83 -29.96 11.07
CA LEU D 23 30.33 -29.84 9.69
C LEU D 23 29.07 -30.70 9.63
N ILE D 24 27.95 -30.12 9.17
CA ILE D 24 26.65 -30.83 8.95
C ILE D 24 26.47 -31.11 7.46
N SER D 25 26.65 -30.11 6.59
CA SER D 25 26.48 -30.24 5.12
C SER D 25 27.33 -29.15 4.44
N GLU D 26 28.05 -29.49 3.37
CA GLU D 26 28.96 -28.59 2.63
C GLU D 26 28.68 -28.68 1.13
N GLY D 27 28.36 -27.55 0.49
CA GLY D 27 28.18 -27.43 -0.98
C GLY D 27 29.37 -26.69 -1.57
N LYS D 28 29.25 -26.21 -2.81
CA LYS D 28 30.31 -25.49 -3.55
C LYS D 28 30.57 -24.12 -2.92
N TRP D 29 29.50 -23.46 -2.45
CA TRP D 29 29.50 -22.03 -2.06
C TRP D 29 29.21 -21.84 -0.56
N VAL D 30 28.47 -22.78 0.05
CA VAL D 30 27.76 -22.59 1.34
C VAL D 30 27.87 -23.88 2.16
N LYS D 31 28.14 -23.78 3.47
CA LYS D 31 28.18 -24.97 4.38
C LYS D 31 27.38 -24.65 5.63
N LEU D 32 26.82 -25.68 6.25
CA LEU D 32 26.03 -25.64 7.49
C LEU D 32 26.86 -26.34 8.57
N GLU D 33 27.03 -25.71 9.72
CA GLU D 33 27.83 -26.25 10.84
C GLU D 33 26.98 -26.23 12.09
N LYS D 34 27.25 -27.17 13.00
CA LYS D 34 26.76 -27.14 14.40
C LYS D 34 27.88 -26.60 15.30
N THR D 35 27.66 -25.42 15.88
CA THR D 35 28.63 -24.74 16.75
C THR D 35 28.35 -25.08 18.22
N THR D 36 29.35 -25.57 18.95
CA THR D 36 29.27 -25.67 20.43
C THR D 36 30.08 -24.53 21.03
N TYR D 37 29.52 -23.87 22.03
CA TYR D 37 30.17 -22.73 22.72
C TYR D 37 29.82 -22.74 24.21
N MET D 38 30.59 -21.98 25.00
CA MET D 38 30.41 -21.83 26.47
C MET D 38 29.83 -20.44 26.75
N ASP D 39 28.67 -20.37 27.42
CA ASP D 39 28.02 -19.10 27.82
C ASP D 39 28.74 -18.53 29.03
N PRO D 40 28.33 -17.33 29.51
CA PRO D 40 28.99 -16.69 30.64
C PRO D 40 28.63 -17.34 31.98
N THR D 41 27.50 -18.04 32.06
CA THR D 41 26.99 -18.74 33.27
C THR D 41 27.73 -20.08 33.42
N GLY D 42 28.48 -20.49 32.40
CA GLY D 42 29.40 -21.64 32.43
C GLY D 42 28.89 -22.81 31.59
N LYS D 43 27.62 -22.76 31.19
CA LYS D 43 26.89 -23.85 30.48
C LYS D 43 27.29 -23.94 29.00
N THR D 44 27.55 -25.17 28.54
CA THR D 44 27.74 -25.61 27.14
C THR D 44 26.42 -25.46 26.38
N ARG D 45 26.42 -24.83 25.19
CA ARG D 45 25.23 -24.73 24.31
C ARG D 45 25.64 -24.92 22.85
N THR D 46 24.69 -25.11 21.94
CA THR D 46 24.97 -25.30 20.51
C THR D 46 24.20 -24.27 19.69
N TRP D 47 24.57 -24.14 18.42
CA TRP D 47 24.05 -23.11 17.48
C TRP D 47 24.18 -23.63 16.05
N GLU D 48 23.20 -23.37 15.20
CA GLU D 48 23.28 -23.76 13.77
C GLU D 48 23.80 -22.52 13.03
N SER D 49 24.96 -22.67 12.38
CA SER D 49 25.71 -21.59 11.70
C SER D 49 25.94 -21.93 10.22
N VAL D 50 25.76 -20.93 9.35
CA VAL D 50 26.05 -20.96 7.91
C VAL D 50 27.40 -20.27 7.71
N LYS D 51 28.27 -20.84 6.88
CA LYS D 51 29.52 -20.16 6.43
C LYS D 51 29.64 -20.34 4.92
N ARG D 52 30.39 -19.44 4.28
CA ARG D 52 30.79 -19.62 2.86
C ARG D 52 32.03 -20.52 2.83
N THR D 53 32.23 -21.22 1.71
CA THR D 53 33.37 -22.15 1.51
C THR D 53 34.50 -21.45 0.76
N THR D 54 34.32 -20.18 0.42
CA THR D 54 35.14 -19.40 -0.55
C THR D 54 36.10 -18.46 0.19
N ARG D 55 36.08 -18.45 1.52
CA ARG D 55 36.93 -17.56 2.38
C ARG D 55 38.39 -18.03 2.28
N LYS D 56 39.37 -17.12 2.32
CA LYS D 56 40.82 -17.42 2.10
C LYS D 56 41.67 -16.57 3.06
N GLU D 57 42.66 -15.83 2.56
CA GLU D 57 43.43 -14.81 3.33
C GLU D 57 42.51 -13.62 3.65
N GLN D 58 41.61 -13.32 2.71
CA GLN D 58 40.48 -12.35 2.79
C GLN D 58 40.18 -11.92 4.23
N THR D 59 40.22 -10.62 4.47
CA THR D 59 39.68 -9.95 5.67
C THR D 59 38.15 -9.99 5.64
N ALA D 60 37.54 -10.39 4.52
CA ALA D 60 36.06 -10.48 4.49
C ALA D 60 35.65 -11.35 3.30
N ASP D 61 34.42 -11.82 3.27
CA ASP D 61 33.90 -12.54 2.08
C ASP D 61 33.82 -11.58 0.88
N GLY D 62 33.25 -10.40 1.10
CA GLY D 62 32.82 -9.51 0.00
C GLY D 62 33.10 -8.04 0.24
N VAL D 63 32.65 -7.24 -0.73
CA VAL D 63 32.56 -5.77 -0.62
C VAL D 63 31.16 -5.38 -1.06
N ALA D 64 30.70 -4.31 -0.47
CA ALA D 64 29.48 -3.61 -0.94
C ALA D 64 29.91 -2.18 -1.11
N VAL D 65 29.50 -1.58 -2.23
CA VAL D 65 29.97 -0.23 -2.60
C VAL D 65 28.80 0.73 -2.43
N ILE D 66 29.08 1.83 -1.73
CA ILE D 66 28.16 2.99 -1.68
C ILE D 66 28.69 4.02 -2.68
N PRO D 67 28.14 4.04 -3.91
CA PRO D 67 28.66 4.87 -5.01
C PRO D 67 27.89 6.20 -5.10
N VAL D 68 28.57 7.28 -4.79
CA VAL D 68 28.01 8.66 -4.78
C VAL D 68 28.43 9.36 -6.11
N LEU D 69 27.48 9.49 -6.99
CA LEU D 69 27.68 10.12 -8.34
C LEU D 69 27.56 11.63 -8.17
N GLN D 70 28.65 12.35 -8.45
CA GLN D 70 28.80 13.80 -8.14
C GLN D 70 29.06 14.55 -9.44
N ARG D 71 28.22 15.55 -9.72
CA ARG D 71 28.41 16.52 -10.83
C ARG D 71 28.34 17.92 -10.20
N THR D 72 29.15 18.86 -10.69
CA THR D 72 29.05 20.26 -10.19
C THR D 72 27.70 20.82 -10.62
N LEU D 73 27.19 21.76 -9.81
CA LEU D 73 25.90 22.45 -10.01
C LEU D 73 24.77 21.42 -10.05
N HIS D 74 24.98 20.24 -9.48
CA HIS D 74 23.93 19.20 -9.43
C HIS D 74 23.97 18.44 -8.11
N TYR D 75 22.82 17.87 -7.77
CA TYR D 75 22.59 17.02 -6.57
C TYR D 75 23.18 15.64 -6.81
N GLU D 76 23.65 15.06 -5.70
CA GLU D 76 24.30 13.73 -5.71
C GLU D 76 23.25 12.66 -5.92
N CYS D 77 23.67 11.56 -6.53
CA CYS D 77 22.84 10.36 -6.71
C CYS D 77 23.60 9.17 -6.11
N ILE D 78 22.82 8.21 -5.62
CA ILE D 78 23.37 6.95 -5.07
C ILE D 78 23.07 5.90 -6.15
N VAL D 79 24.12 5.24 -6.62
CA VAL D 79 23.96 4.26 -7.72
C VAL D 79 23.69 2.90 -7.10
N LEU D 80 22.52 2.35 -7.35
CA LEU D 80 22.12 1.02 -6.84
C LEU D 80 22.06 0.08 -8.02
N VAL D 81 21.90 -1.21 -7.74
CA VAL D 81 21.73 -2.22 -8.79
C VAL D 81 20.53 -3.05 -8.42
N LYS D 82 19.84 -3.54 -9.44
CA LYS D 82 18.70 -4.46 -9.31
C LYS D 82 19.02 -5.75 -10.02
N GLN D 83 18.76 -6.89 -9.36
CA GLN D 83 19.07 -8.21 -9.94
C GLN D 83 18.17 -9.24 -9.30
N PHE D 84 17.91 -10.31 -10.05
CA PHE D 84 17.23 -11.50 -9.54
C PHE D 84 18.17 -12.21 -8.55
N ARG D 85 17.64 -12.56 -7.37
CA ARG D 85 18.39 -13.22 -6.28
C ARG D 85 17.70 -14.54 -6.01
N PRO D 86 18.24 -15.65 -6.53
CA PRO D 86 17.61 -16.95 -6.34
C PRO D 86 17.20 -17.25 -4.91
N PRO D 87 17.98 -16.93 -3.84
CA PRO D 87 17.51 -17.21 -2.49
C PRO D 87 16.20 -16.49 -2.10
N MET D 88 16.00 -15.28 -2.64
CA MET D 88 14.82 -14.40 -2.34
C MET D 88 13.67 -14.75 -3.28
N GLY D 89 13.95 -15.51 -4.33
CA GLY D 89 12.90 -15.82 -5.32
C GLY D 89 12.45 -14.57 -6.07
N GLY D 90 13.25 -13.52 -6.13
CA GLY D 90 12.75 -12.29 -6.80
C GLY D 90 13.86 -11.29 -6.90
N TYR D 91 13.51 -10.11 -7.39
CA TYR D 91 14.45 -9.04 -7.69
C TYR D 91 14.69 -8.21 -6.41
N CYS D 92 15.94 -7.77 -6.24
CA CYS D 92 16.40 -7.02 -5.07
C CYS D 92 17.17 -5.79 -5.52
N ILE D 93 17.00 -4.72 -4.77
CA ILE D 93 17.70 -3.43 -5.01
C ILE D 93 18.77 -3.32 -3.94
N GLU D 94 20.02 -3.31 -4.38
CA GLU D 94 21.21 -3.43 -3.50
C GLU D 94 22.24 -2.41 -3.88
N PHE D 95 23.20 -2.17 -2.98
CA PHE D 95 24.48 -1.55 -3.33
C PHE D 95 25.21 -2.53 -4.23
N PRO D 96 25.92 -2.03 -5.26
CA PRO D 96 26.78 -2.92 -6.06
C PRO D 96 27.72 -3.69 -5.12
N ALA D 97 27.94 -4.96 -5.41
CA ALA D 97 28.64 -5.83 -4.44
C ALA D 97 29.21 -7.02 -5.17
N GLY D 98 30.28 -7.58 -4.61
CA GLY D 98 30.77 -8.88 -5.10
C GLY D 98 31.76 -9.48 -4.14
N LEU D 99 32.16 -10.73 -4.39
CA LEU D 99 33.20 -11.37 -3.55
C LEU D 99 34.57 -10.78 -3.89
N ILE D 100 35.43 -10.71 -2.88
CA ILE D 100 36.85 -10.33 -3.06
C ILE D 100 37.59 -11.54 -3.66
N ASP D 101 38.30 -11.30 -4.77
CA ASP D 101 39.10 -12.32 -5.50
C ASP D 101 40.32 -12.63 -4.62
N ASP D 102 40.91 -13.82 -4.75
CA ASP D 102 42.20 -14.16 -4.07
C ASP D 102 43.24 -13.06 -4.28
N GLY D 103 43.83 -12.53 -3.21
CA GLY D 103 44.98 -11.60 -3.24
C GLY D 103 44.61 -10.20 -3.69
N GLU D 104 43.32 -9.90 -3.78
CA GLU D 104 42.81 -8.57 -4.19
C GLU D 104 42.46 -7.79 -2.93
N THR D 105 42.78 -6.50 -2.88
CA THR D 105 42.42 -5.69 -1.70
C THR D 105 40.91 -5.42 -1.75
N PRO D 106 40.27 -5.10 -0.61
CA PRO D 106 38.89 -4.61 -0.64
C PRO D 106 38.67 -3.38 -1.53
N GLU D 107 39.55 -2.38 -1.46
CA GLU D 107 39.41 -1.14 -2.28
C GLU D 107 39.41 -1.54 -3.75
N ALA D 108 40.29 -2.47 -4.19
CA ALA D 108 40.39 -2.81 -5.62
C ALA D 108 39.16 -3.60 -6.01
N ALA D 109 38.70 -4.49 -5.14
CA ALA D 109 37.48 -5.28 -5.40
C ALA D 109 36.30 -4.31 -5.57
N ALA D 110 36.26 -3.25 -4.75
CA ALA D 110 35.15 -2.27 -4.78
C ALA D 110 35.14 -1.61 -6.15
N LEU D 111 36.28 -1.05 -6.57
CA LEU D 111 36.32 -0.32 -7.88
C LEU D 111 36.04 -1.30 -9.03
N ARG D 112 36.49 -2.54 -8.92
CA ARG D 112 36.27 -3.56 -9.97
C ARG D 112 34.79 -3.90 -10.03
N GLU D 113 34.17 -4.24 -8.89
CA GLU D 113 32.73 -4.62 -8.85
C GLU D 113 31.89 -3.42 -9.32
N LEU D 114 32.23 -2.22 -8.92
CA LEU D 114 31.42 -1.04 -9.33
C LEU D 114 31.42 -0.91 -10.88
N GLU D 115 32.61 -0.98 -11.48
CA GLU D 115 32.78 -0.85 -12.95
C GLU D 115 32.06 -2.02 -13.66
N GLU D 116 32.25 -3.25 -13.19
CA GLU D 116 31.54 -4.42 -13.76
C GLU D 116 30.02 -4.23 -13.70
N GLU D 117 29.47 -3.79 -12.56
CA GLU D 117 28.00 -3.86 -12.37
C GLU D 117 27.35 -2.57 -12.86
N THR D 118 28.08 -1.47 -12.96
CA THR D 118 27.49 -0.15 -13.29
C THR D 118 28.19 0.56 -14.46
N GLY D 119 29.44 0.23 -14.77
CA GLY D 119 30.25 0.94 -15.80
C GLY D 119 31.06 2.07 -15.22
N TYR D 120 30.69 2.58 -14.03
CA TYR D 120 31.34 3.76 -13.45
C TYR D 120 32.75 3.45 -12.94
N LYS D 121 33.64 4.41 -13.12
CA LYS D 121 35.03 4.44 -12.61
C LYS D 121 35.06 5.39 -11.41
N GLY D 122 35.15 4.82 -10.21
CA GLY D 122 35.08 5.59 -8.98
C GLY D 122 36.42 5.86 -8.40
N ASP D 123 36.46 6.72 -7.39
CA ASP D 123 37.61 7.02 -6.51
C ASP D 123 37.23 6.55 -5.09
N ILE D 124 38.15 5.85 -4.42
CA ILE D 124 37.93 5.41 -3.01
C ILE D 124 37.79 6.65 -2.13
N ALA D 125 36.70 6.73 -1.36
CA ALA D 125 36.54 7.76 -0.32
C ALA D 125 36.92 7.14 1.02
N GLU D 126 36.41 5.96 1.35
CA GLU D 126 36.69 5.33 2.68
C GLU D 126 36.31 3.86 2.60
N CYS D 127 36.87 3.06 3.49
CA CYS D 127 36.64 1.61 3.49
C CYS D 127 36.41 1.16 4.93
N SER D 128 35.32 0.45 5.19
CA SER D 128 34.98 0.00 6.57
C SER D 128 35.94 -1.12 6.96
N PRO D 129 36.01 -1.48 8.25
CA PRO D 129 36.50 -2.78 8.63
C PRO D 129 35.48 -3.84 8.21
N ALA D 130 35.82 -5.10 8.41
CA ALA D 130 34.92 -6.19 8.07
C ALA D 130 33.71 -6.10 8.99
N VAL D 131 32.50 -6.13 8.41
CA VAL D 131 31.23 -5.94 9.15
C VAL D 131 30.36 -7.18 8.88
N CYS D 132 29.57 -7.62 9.84
CA CYS D 132 28.83 -8.89 9.70
C CYS D 132 27.50 -8.67 8.96
N MET D 133 27.18 -9.61 8.10
CA MET D 133 25.93 -9.56 7.30
C MET D 133 24.69 -10.04 8.08
N ASP D 134 24.78 -11.07 8.89
CA ASP D 134 23.63 -11.60 9.66
C ASP D 134 24.20 -12.52 10.74
N PRO D 135 24.71 -11.96 11.86
CA PRO D 135 25.64 -12.70 12.70
C PRO D 135 24.97 -13.76 13.60
N GLY D 136 23.64 -13.68 13.78
CA GLY D 136 22.87 -14.76 14.41
C GLY D 136 22.70 -15.96 13.48
N LEU D 137 23.03 -15.84 12.18
CA LEU D 137 22.83 -16.90 11.16
C LEU D 137 24.16 -17.40 10.60
N SER D 138 25.02 -16.50 10.15
CA SER D 138 26.19 -16.83 9.32
C SER D 138 27.42 -16.08 9.81
N ASN D 139 28.59 -16.48 9.34
CA ASN D 139 29.83 -15.77 9.69
C ASN D 139 30.16 -14.77 8.59
N CYS D 140 29.24 -14.49 7.66
CA CYS D 140 29.60 -13.76 6.42
C CYS D 140 29.89 -12.30 6.77
N THR D 141 30.92 -11.77 6.12
CA THR D 141 31.36 -10.39 6.34
C THR D 141 31.63 -9.68 5.01
N ILE D 142 31.56 -8.37 5.04
CA ILE D 142 31.98 -7.52 3.89
C ILE D 142 32.76 -6.34 4.41
N HIS D 143 33.43 -5.64 3.50
CA HIS D 143 33.83 -4.25 3.70
C HIS D 143 32.80 -3.42 2.95
N ILE D 144 32.31 -2.39 3.60
CA ILE D 144 31.51 -1.34 2.92
C ILE D 144 32.46 -0.26 2.47
N VAL D 145 32.47 0.00 1.15
CA VAL D 145 33.47 0.91 0.54
C VAL D 145 32.70 2.05 -0.06
N THR D 146 32.90 3.25 0.49
CA THR D 146 32.28 4.49 -0.01
C THR D 146 33.14 4.93 -1.21
N VAL D 147 32.52 5.17 -2.36
CA VAL D 147 33.23 5.51 -3.65
C VAL D 147 32.53 6.69 -4.28
N THR D 148 33.31 7.75 -4.59
CA THR D 148 32.78 8.94 -5.31
C THR D 148 32.97 8.72 -6.81
N ILE D 149 31.98 9.09 -7.60
CA ILE D 149 32.04 8.94 -9.08
C ILE D 149 32.07 10.37 -9.62
N ASN D 150 33.17 10.77 -10.29
CA ASN D 150 33.27 12.14 -10.87
C ASN D 150 32.44 12.09 -12.15
N GLY D 151 31.15 12.45 -12.05
CA GLY D 151 30.26 12.44 -13.22
C GLY D 151 30.67 13.52 -14.23
N ASP D 152 31.59 14.44 -13.91
CA ASP D 152 32.06 15.49 -14.85
C ASP D 152 33.19 14.94 -15.74
N ASP D 153 33.71 13.72 -15.45
CA ASP D 153 34.71 13.05 -16.32
C ASP D 153 34.02 12.32 -17.47
N ALA D 154 34.59 12.45 -18.67
CA ALA D 154 34.02 11.87 -19.92
C ALA D 154 33.80 10.35 -19.76
N GLU D 155 34.74 9.65 -19.11
CA GLU D 155 34.70 8.18 -18.89
C GLU D 155 33.43 7.81 -18.11
N ASN D 156 32.89 8.75 -17.34
CA ASN D 156 31.65 8.56 -16.51
C ASN D 156 30.46 9.23 -17.17
N ALA D 157 30.59 9.68 -18.44
CA ALA D 157 29.48 10.31 -19.19
C ALA D 157 28.32 9.32 -19.36
N ARG D 158 28.57 8.16 -19.98
CA ARG D 158 27.50 7.22 -20.42
C ARG D 158 28.05 5.80 -20.40
N PRO D 159 28.69 5.34 -19.30
CA PRO D 159 29.24 3.98 -19.25
C PRO D 159 28.11 2.93 -19.14
N LYS D 160 28.43 1.68 -19.51
CA LYS D 160 27.52 0.49 -19.47
C LYS D 160 28.21 -0.63 -18.69
N PRO D 161 27.44 -1.48 -17.96
CA PRO D 161 28.05 -2.52 -17.13
C PRO D 161 28.79 -3.51 -18.02
N LYS D 162 29.86 -4.17 -17.54
CA LYS D 162 30.49 -5.35 -18.18
C LYS D 162 30.25 -6.55 -17.26
N PRO D 163 29.05 -7.15 -17.30
CA PRO D 163 28.74 -8.25 -16.38
C PRO D 163 29.59 -9.50 -16.72
N GLY D 164 29.92 -10.28 -15.68
CA GLY D 164 30.42 -11.66 -15.83
C GLY D 164 29.34 -12.57 -16.38
N ASP D 165 29.70 -13.80 -16.73
CA ASP D 165 28.74 -14.83 -17.24
C ASP D 165 27.73 -15.11 -16.13
N GLY D 166 26.45 -15.26 -16.49
CA GLY D 166 25.36 -15.51 -15.52
C GLY D 166 25.11 -14.35 -14.55
N GLU D 167 25.62 -13.15 -14.85
CA GLU D 167 25.42 -11.93 -14.02
C GLU D 167 24.56 -10.96 -14.82
N PHE D 168 23.40 -10.58 -14.29
CA PHE D 168 22.34 -9.83 -15.02
C PHE D 168 21.89 -8.67 -14.13
N VAL D 169 22.35 -7.45 -14.40
CA VAL D 169 22.24 -6.32 -13.43
C VAL D 169 21.67 -5.08 -14.13
N GLU D 170 20.64 -4.45 -13.54
CA GLU D 170 20.04 -3.16 -13.95
C GLU D 170 20.59 -2.07 -13.02
N VAL D 171 21.14 -0.98 -13.56
CA VAL D 171 21.59 0.17 -12.73
C VAL D 171 20.33 0.99 -12.43
N ILE D 172 20.19 1.37 -11.17
CA ILE D 172 19.13 2.31 -10.70
C ILE D 172 19.83 3.43 -9.94
N SER D 173 19.87 4.61 -10.52
CA SER D 173 20.50 5.81 -9.90
C SER D 173 19.40 6.65 -9.25
N LEU D 174 19.41 6.85 -7.92
CA LEU D 174 18.35 7.60 -7.19
C LEU D 174 18.97 8.83 -6.57
N PRO D 175 18.22 9.95 -6.50
CA PRO D 175 18.71 11.13 -5.79
C PRO D 175 18.93 10.77 -4.32
N LYS D 176 20.09 11.10 -3.83
CA LYS D 176 20.48 10.96 -2.41
C LYS D 176 19.46 11.72 -1.54
N ASN D 177 19.06 12.92 -1.99
CA ASN D 177 18.23 13.88 -1.20
C ASN D 177 16.82 13.34 -0.97
N ASP D 178 16.40 12.27 -1.62
CA ASP D 178 15.03 11.77 -1.47
C ASP D 178 15.07 10.26 -1.48
N LEU D 179 16.19 9.68 -1.06
CA LEU D 179 16.44 8.24 -1.23
C LEU D 179 15.35 7.39 -0.56
N LEU D 180 15.01 7.65 0.70
CA LEU D 180 14.09 6.76 1.43
C LEU D 180 12.74 6.75 0.70
N GLN D 181 12.21 7.91 0.31
CA GLN D 181 10.86 8.01 -0.31
C GLN D 181 10.92 7.28 -1.66
N ARG D 182 12.02 7.41 -2.37
CA ARG D 182 12.15 6.75 -3.70
C ARG D 182 12.13 5.25 -3.51
N LEU D 183 12.81 4.74 -2.49
CA LEU D 183 12.82 3.28 -2.18
C LEU D 183 11.42 2.83 -1.76
N ASP D 184 10.75 3.61 -0.90
CA ASP D 184 9.38 3.25 -0.50
C ASP D 184 8.47 3.22 -1.75
N ALA D 185 8.65 4.17 -2.68
CA ALA D 185 7.83 4.31 -3.91
C ALA D 185 8.03 3.04 -4.76
N LEU D 186 9.28 2.60 -4.90
CA LEU D 186 9.58 1.37 -5.68
C LEU D 186 8.88 0.16 -5.06
N VAL D 187 8.95 0.03 -3.75
CA VAL D 187 8.41 -1.09 -2.98
C VAL D 187 6.87 -1.12 -3.07
N ALA D 188 6.23 0.05 -3.12
CA ALA D 188 4.75 0.14 -3.18
C ALA D 188 4.24 -0.32 -4.55
N GLU D 189 5.07 -0.18 -5.59
CA GLU D 189 4.64 -0.27 -7.02
C GLU D 189 5.09 -1.60 -7.60
N GLU D 190 6.25 -2.11 -7.20
CA GLU D 190 6.97 -3.14 -8.01
C GLU D 190 7.34 -4.33 -7.15
N HIS D 191 7.35 -5.51 -7.80
CA HIS D 191 7.65 -6.80 -7.15
C HIS D 191 9.16 -6.82 -6.93
N LEU D 192 9.59 -6.27 -5.81
CA LEU D 192 11.04 -6.30 -5.52
C LEU D 192 11.22 -6.09 -4.02
N THR D 193 12.42 -6.37 -3.54
CA THR D 193 12.84 -6.17 -2.12
C THR D 193 14.05 -5.22 -2.09
N VAL D 194 14.00 -4.25 -1.20
CA VAL D 194 15.16 -3.39 -0.94
C VAL D 194 16.01 -4.08 0.11
N ASP D 195 17.31 -3.94 -0.08
CA ASP D 195 18.31 -4.46 0.86
C ASP D 195 18.29 -3.68 2.16
N ALA D 196 18.51 -4.37 3.27
CA ALA D 196 18.52 -3.77 4.62
C ALA D 196 19.63 -2.74 4.80
N ARG D 197 20.81 -2.92 4.19
CA ARG D 197 21.91 -1.93 4.25
C ARG D 197 21.49 -0.67 3.49
N VAL D 198 20.88 -0.85 2.32
CA VAL D 198 20.43 0.31 1.51
C VAL D 198 19.35 1.05 2.33
N TYR D 199 18.44 0.33 2.95
CA TYR D 199 17.32 1.00 3.66
C TYR D 199 17.87 1.69 4.92
N SER D 200 18.82 1.07 5.60
CA SER D 200 19.44 1.65 6.81
C SER D 200 20.15 2.94 6.41
N TYR D 201 20.90 2.94 5.32
CA TYR D 201 21.58 4.15 4.77
C TYR D 201 20.53 5.25 4.54
N ALA D 202 19.45 4.92 3.82
CA ALA D 202 18.39 5.87 3.44
C ALA D 202 17.73 6.47 4.70
N LEU D 203 17.46 5.66 5.73
CA LEU D 203 16.88 6.10 7.01
C LEU D 203 17.78 7.13 7.67
N ALA D 204 19.07 6.83 7.78
CA ALA D 204 20.04 7.72 8.44
C ALA D 204 20.15 9.07 7.72
N LEU D 205 19.96 9.12 6.40
CA LEU D 205 20.01 10.43 5.68
C LEU D 205 18.85 11.31 6.19
N LYS D 206 17.75 10.69 6.64
CA LYS D 206 16.61 11.44 7.21
C LYS D 206 16.86 11.71 8.68
N HIS D 207 17.39 10.72 9.40
CA HIS D 207 17.57 10.89 10.87
C HIS D 207 18.68 11.88 11.25
N ALA D 208 19.68 12.06 10.38
CA ALA D 208 20.85 12.92 10.61
C ALA D 208 20.40 14.30 11.08
N ASN D 209 21.16 14.90 12.00
CA ASN D 209 20.86 16.17 12.71
C ASN D 209 20.05 15.88 13.98
MG MG E . -15.98 11.74 -18.08
MG MG F . -15.37 11.82 -21.14
C1 EDO G . -25.16 9.78 -14.89
O1 EDO G . -25.71 10.79 -14.08
C2 EDO G . -23.69 9.69 -14.93
O2 EDO G . -23.18 9.32 -13.66
C1 EDO H . -20.62 -4.52 -27.31
O1 EDO H . -20.59 -5.93 -27.22
C2 EDO H . -19.45 -3.92 -27.97
O2 EDO H . -19.75 -3.02 -29.04
N1 PWP I . -24.89 19.21 -16.73
C4 PWP I . -24.92 17.84 -16.51
C5 PWP I . -22.88 19.25 -19.81
C6 PWP I . -23.64 18.79 -18.74
C7 PWP I . -24.27 19.65 -17.83
N PWP I . -24.38 16.93 -17.31
C PWP I . -22.20 18.29 -20.54
O PWP I . -24.22 20.96 -17.98
C1 PWP I . -22.27 16.86 -20.24
C2 PWP I . -23.04 16.45 -19.21
C3 PWP I . -23.73 17.42 -18.42
F PWP I . -21.44 18.69 -21.56
N1 PWP J . -37.05 14.49 -3.89
C4 PWP J . -35.81 14.16 -3.44
C5 PWP J . -38.85 13.87 -0.69
C6 PWP J . -37.79 14.00 -1.64
C7 PWP J . -38.03 14.38 -2.98
N PWP J . -35.40 13.80 -2.22
C PWP J . -38.52 13.54 0.59
O PWP J . -39.29 14.68 -3.37
C1 PWP J . -37.16 13.34 0.98
C2 PWP J . -36.14 13.44 0.05
C3 PWP J . -36.44 13.76 -1.31
F PWP J . -39.47 13.31 1.52
C1 EDO K . -19.86 -11.40 16.28
O1 EDO K . -20.38 -10.21 16.82
C2 EDO K . -20.60 -12.59 16.76
O2 EDO K . -21.96 -12.68 16.28
MG MG L . -33.64 5.70 3.25
MG MG M . -35.67 9.14 8.65
C1 EDO N . 7.47 7.75 28.08
O1 EDO N . 8.53 6.82 28.16
C2 EDO N . 6.57 7.52 26.92
O2 EDO N . 5.23 7.92 27.18
MG MG O . 16.77 -11.87 20.27
MG MG P . 18.34 -10.48 19.68
N1 PWP Q . 25.26 -19.50 -2.94
C4 PWP Q . 25.87 -18.41 -2.31
C5 PWP Q . 26.78 -18.90 -6.29
C6 PWP Q . 26.47 -18.74 -4.94
C7 PWP Q . 25.56 -19.61 -4.25
N PWP Q . 26.72 -17.53 -2.86
C PWP Q . 27.63 -18.05 -6.85
O PWP Q . 24.91 -20.62 -4.86
C1 PWP Q . 28.25 -16.99 -6.10
C2 PWP Q . 27.95 -16.83 -4.76
C3 PWP Q . 27.03 -17.72 -4.18
F PWP Q . 27.89 -18.19 -8.14
C1 EDO R . 17.15 -12.86 10.00
O1 EDO R . 18.24 -13.63 9.54
C2 EDO R . 17.45 -12.22 11.29
O2 EDO R . 18.36 -11.15 11.15
C1 EDO S . 19.09 -14.07 17.48
O1 EDO S . 19.62 -14.26 18.75
C2 EDO S . 18.81 -15.29 16.71
O2 EDO S . 17.56 -15.21 16.05
N1 PWP T . 20.94 -20.64 14.27
C4 PWP T . 20.32 -19.56 13.67
C5 PWP T . 19.13 -20.45 17.54
C6 PWP T . 19.52 -20.17 16.23
C7 PWP T . 20.49 -20.92 15.56
N PWP T . 19.37 -18.79 14.20
C PWP T . 18.23 -19.68 18.14
O PWP T . 20.92 -22.03 16.13
C1 PWP T . 17.64 -18.57 17.46
C2 PWP T . 17.99 -18.30 16.18
C3 PWP T . 18.98 -19.10 15.51
F PWP T . 17.85 -19.95 19.41
MG MG U . 27.33 -8.51 -7.42
MG MG V . 28.86 -9.74 -7.99
C1 EDO W . 28.47 -12.12 2.01
O1 EDO W . 27.48 -13.09 2.25
C2 EDO W . 28.15 -11.16 0.92
O2 EDO W . 27.09 -10.33 1.29
#